data_3GTC
#
_entry.id   3GTC
#
_cell.length_a   118.447
_cell.length_b   77.951
_cell.length_c   97.881
_cell.angle_alpha   90.00
_cell.angle_beta   115.76
_cell.angle_gamma   90.00
#
_symmetry.space_group_name_H-M   'C 1 2 1'
#
loop_
_entity.id
_entity.type
_entity.pdbx_description
1 polymer Beta-lactamase
2 non-polymer 'PHOSPHATE ION'
3 non-polymer '(1R,2S)-2-(5-thioxo-4,5-dihydro-1H-1,2,4-triazol-3-yl)cyclohexanecarboxylic acid'
4 water water
#
_entity_poly.entity_id   1
_entity_poly.type   'polypeptide(L)'
_entity_poly.pdbx_seq_one_letter_code
;APQQINDIVHRTITPLIEQQKIPGMAVAVIYQGKPYYFTWGYADIAKKQPVTQQTLFELGSVSKTFTGVLGGDAIARGEI
KLSDPTTKYWPELTAKQWNGITLLHLATYTAGGLPLQVPDEVKSSSDLLRFYQNWQPAWAPGTQRLYANSSIGLFGALAV
KPSGLSFEQAMQTRVFQPLKLNHTWINVPPAEEKNYAWGYREGKAVHVSPGALDAEAYGVKSTIEDMARWVQSNLKPLDI
NEKTLQQGIQLAQSRYWQTGDMYQGLGWEMLDWPVNPDSIINGSDNKIALAARPVKAITPPTPAVRASWVHKTGATGGFG
SYVAFIPEKELGIVMLANKNYPNPARVDAAWQILNALQ
;
_entity_poly.pdbx_strand_id   A,B
#
loop_
_chem_comp.id
_chem_comp.type
_chem_comp.name
_chem_comp.formula
GTC non-polymer '(1R,2S)-2-(5-thioxo-4,5-dihydro-1H-1,2,4-triazol-3-yl)cyclohexanecarboxylic acid' 'C9 H13 N3 O2 S'
PO4 non-polymer 'PHOSPHATE ION' 'O4 P -3'
#
# COMPACT_ATOMS: atom_id res chain seq x y z
N ALA A 1 31.06 -8.94 -18.73
CA ALA A 1 29.64 -9.39 -18.86
C ALA A 1 29.57 -10.67 -19.69
N PRO A 2 28.52 -11.49 -19.49
CA PRO A 2 28.32 -12.66 -20.35
C PRO A 2 28.19 -12.25 -21.81
N GLN A 3 28.63 -13.11 -22.73
CA GLN A 3 28.67 -12.76 -24.14
C GLN A 3 27.27 -12.42 -24.68
N GLN A 4 26.24 -13.05 -24.12
CA GLN A 4 24.86 -12.81 -24.53
C GLN A 4 24.44 -11.36 -24.28
N ILE A 5 24.70 -10.86 -23.07
CA ILE A 5 24.38 -9.48 -22.76
C ILE A 5 25.20 -8.56 -23.64
N ASN A 6 26.50 -8.83 -23.73
CA ASN A 6 27.39 -8.06 -24.60
C ASN A 6 26.90 -7.97 -26.05
N ASP A 7 26.48 -9.09 -26.62
CA ASP A 7 26.07 -9.12 -28.02
C ASP A 7 24.76 -8.39 -28.27
N ILE A 8 23.74 -8.59 -27.44
CA ILE A 8 22.47 -7.87 -27.64
C ILE A 8 22.64 -6.37 -27.38
N VAL A 9 23.40 -6.00 -26.36
CA VAL A 9 23.65 -4.59 -26.08
C VAL A 9 24.35 -3.93 -27.28
N HIS A 10 25.46 -4.51 -27.73
CA HIS A 10 26.21 -3.89 -28.83
C HIS A 10 25.48 -3.92 -30.16
N ARG A 11 24.78 -5.01 -30.45
CA ARG A 11 23.96 -5.09 -31.68
C ARG A 11 22.77 -4.14 -31.69
N THR A 12 22.33 -3.68 -30.52
CA THR A 12 21.22 -2.74 -30.43
C THR A 12 21.68 -1.28 -30.37
N ILE A 13 22.67 -1.01 -29.52
CA ILE A 13 23.11 0.37 -29.24
C ILE A 13 23.98 0.99 -30.33
N THR A 14 24.83 0.20 -30.98
CA THR A 14 25.71 0.70 -32.04
C THR A 14 24.94 1.35 -33.20
N PRO A 15 23.92 0.64 -33.75
CA PRO A 15 23.06 1.24 -34.76
C PRO A 15 22.30 2.48 -34.25
N LEU A 16 21.79 2.41 -33.02
CA LEU A 16 21.10 3.54 -32.40
C LEU A 16 21.98 4.79 -32.34
N ILE A 17 23.20 4.63 -31.86
CA ILE A 17 24.14 5.76 -31.77
C ILE A 17 24.40 6.35 -33.15
N GLU A 18 24.62 5.47 -34.14
CA GLU A 18 24.83 5.86 -35.54
C GLU A 18 23.64 6.59 -36.12
N GLN A 19 22.46 5.99 -36.01
CA GLN A 19 21.25 6.58 -36.59
C GLN A 19 20.86 7.90 -35.94
N GLN A 20 21.04 8.00 -34.61
CA GLN A 20 20.62 9.18 -33.87
C GLN A 20 21.74 10.19 -33.68
N LYS A 21 22.95 9.86 -34.12
CA LYS A 21 24.11 10.77 -34.03
C LYS A 21 24.33 11.21 -32.58
N ILE A 22 24.25 10.25 -31.67
CA ILE A 22 24.44 10.49 -30.24
C ILE A 22 25.94 10.64 -29.94
N PRO A 23 26.36 11.77 -29.34
CA PRO A 23 27.78 11.96 -29.09
C PRO A 23 28.38 11.00 -28.07
N GLY A 24 27.62 10.71 -27.02
CA GLY A 24 28.08 9.85 -25.93
C GLY A 24 26.93 9.11 -25.30
N MET A 25 27.20 7.89 -24.82
CA MET A 25 26.17 7.08 -24.24
C MET A 25 26.72 6.13 -23.17
N ALA A 26 25.90 5.91 -22.14
CA ALA A 26 26.17 4.91 -21.11
C ALA A 26 24.92 4.02 -20.93
N VAL A 27 25.14 2.72 -20.84
CA VAL A 27 24.07 1.75 -20.62
C VAL A 27 24.42 0.82 -19.46
N ALA A 28 23.45 0.57 -18.59
CA ALA A 28 23.54 -0.48 -17.58
C ALA A 28 22.42 -1.48 -17.83
N VAL A 29 22.77 -2.76 -17.86
CA VAL A 29 21.78 -3.83 -17.82
C VAL A 29 21.87 -4.48 -16.45
N ILE A 30 20.72 -4.63 -15.80
CA ILE A 30 20.63 -5.38 -14.56
C ILE A 30 20.07 -6.74 -14.95
N TYR A 31 20.86 -7.79 -14.77
CA TYR A 31 20.47 -9.14 -15.17
C TYR A 31 20.65 -10.05 -13.96
N GLN A 32 19.57 -10.75 -13.61
CA GLN A 32 19.50 -11.50 -12.36
C GLN A 32 20.00 -10.63 -11.19
N GLY A 33 19.54 -9.39 -11.18
CA GLY A 33 19.84 -8.45 -10.10
C GLY A 33 21.22 -7.83 -10.05
N LYS A 34 22.07 -8.14 -11.03
CA LYS A 34 23.46 -7.68 -11.05
C LYS A 34 23.72 -6.76 -12.26
N PRO A 35 24.48 -5.66 -12.05
CA PRO A 35 24.71 -4.66 -13.09
C PRO A 35 25.87 -4.98 -14.04
N TYR A 36 25.67 -4.66 -15.31
CA TYR A 36 26.72 -4.73 -16.33
C TYR A 36 26.71 -3.42 -17.11
N TYR A 37 27.87 -2.77 -17.21
CA TYR A 37 28.00 -1.42 -17.76
C TYR A 37 28.61 -1.39 -19.14
N PHE A 38 28.19 -0.39 -19.93
CA PHE A 38 28.70 -0.15 -21.28
C PHE A 38 28.79 1.33 -21.55
N THR A 39 29.86 1.77 -22.20
CA THR A 39 30.00 3.17 -22.53
C THR A 39 30.50 3.37 -23.95
N TRP A 40 30.11 4.50 -24.54
CA TRP A 40 30.50 4.87 -25.89
C TRP A 40 30.69 6.37 -25.97
N GLY A 41 31.63 6.79 -26.80
CA GLY A 41 31.70 8.18 -27.24
C GLY A 41 32.14 9.20 -26.20
N TYR A 42 31.65 10.42 -26.37
CA TYR A 42 32.20 11.59 -25.70
C TYR A 42 31.25 12.28 -24.72
N ALA A 43 31.74 12.52 -23.52
CA ALA A 43 31.07 13.36 -22.53
C ALA A 43 31.28 14.84 -22.87
N ASP A 44 32.44 15.14 -23.46
CA ASP A 44 32.80 16.49 -23.91
C ASP A 44 33.56 16.33 -25.22
N ILE A 45 32.95 16.80 -26.32
CA ILE A 45 33.54 16.67 -27.65
C ILE A 45 34.81 17.51 -27.77
N ALA A 46 34.67 18.80 -27.46
CA ALA A 46 35.77 19.79 -27.53
C ALA A 46 37.01 19.41 -26.75
N LYS A 47 36.83 18.93 -25.52
CA LYS A 47 37.94 18.51 -24.66
C LYS A 47 38.27 17.03 -24.75
N LYS A 48 37.60 16.33 -25.66
CA LYS A 48 37.88 14.92 -25.98
C LYS A 48 37.75 13.98 -24.79
N GLN A 49 36.85 14.31 -23.87
CA GLN A 49 36.63 13.52 -22.68
C GLN A 49 35.63 12.41 -22.98
N PRO A 50 36.03 11.14 -22.74
CA PRO A 50 35.15 10.02 -23.08
C PRO A 50 34.06 9.86 -22.04
N VAL A 51 32.97 9.19 -22.41
CA VAL A 51 31.98 8.78 -21.43
C VAL A 51 32.61 7.61 -20.64
N THR A 52 32.47 7.66 -19.31
CA THR A 52 32.95 6.60 -18.41
C THR A 52 31.84 6.24 -17.43
N GLN A 53 32.09 5.24 -16.58
CA GLN A 53 31.11 4.87 -15.55
C GLN A 53 30.92 5.95 -14.47
N GLN A 54 31.77 6.98 -14.47
CA GLN A 54 31.67 8.11 -13.52
C GLN A 54 31.09 9.38 -14.15
N THR A 55 30.77 9.35 -15.45
CA THR A 55 30.22 10.50 -16.15
C THR A 55 28.82 10.81 -15.61
N LEU A 56 28.60 12.09 -15.28
CA LEU A 56 27.29 12.54 -14.84
C LEU A 56 26.51 12.95 -16.08
N PHE A 57 25.26 12.47 -16.15
CA PHE A 57 24.32 12.87 -17.19
C PHE A 57 23.12 13.55 -16.53
N GLU A 58 22.53 14.51 -17.23
CA GLU A 58 21.24 15.08 -16.83
C GLU A 58 20.13 14.06 -17.09
N LEU A 59 19.41 13.68 -16.03
CA LEU A 59 18.33 12.70 -16.13
C LEU A 59 17.03 13.27 -16.70
N GLY A 60 16.88 14.59 -16.63
CA GLY A 60 15.65 15.23 -17.04
C GLY A 60 14.50 14.66 -16.25
N SER A 61 13.42 14.30 -16.94
CA SER A 61 12.19 13.91 -16.27
C SER A 61 12.26 12.54 -15.57
N VAL A 62 13.32 11.76 -15.80
CA VAL A 62 13.56 10.58 -14.96
C VAL A 62 13.72 11.00 -13.48
N SER A 63 14.13 12.25 -13.26
CA SER A 63 14.11 12.84 -11.93
C SER A 63 12.77 12.67 -11.21
N LYS A 64 11.66 12.65 -11.96
CA LYS A 64 10.33 12.49 -11.35
C LYS A 64 10.17 11.19 -10.57
N THR A 65 10.92 10.15 -10.93
CA THR A 65 10.91 8.91 -10.17
C THR A 65 11.46 9.09 -8.74
N PHE A 66 12.52 9.89 -8.61
CA PHE A 66 13.06 10.23 -7.30
C PHE A 66 12.04 11.04 -6.51
N THR A 67 11.46 12.05 -7.16
CA THR A 67 10.42 12.88 -6.55
C THR A 67 9.24 12.01 -6.07
N GLY A 68 8.82 11.05 -6.88
CA GLY A 68 7.74 10.15 -6.50
C GLY A 68 8.08 9.29 -5.28
N VAL A 69 9.30 8.79 -5.25
CA VAL A 69 9.78 7.97 -4.14
C VAL A 69 9.97 8.79 -2.87
N LEU A 70 10.52 10.00 -2.98
CA LEU A 70 10.64 10.92 -1.84
C LEU A 70 9.27 11.23 -1.24
N GLY A 71 8.30 11.51 -2.12
CA GLY A 71 6.91 11.67 -1.73
C GLY A 71 6.36 10.45 -1.03
N GLY A 72 6.61 9.27 -1.60
CA GLY A 72 6.17 8.01 -1.01
C GLY A 72 6.73 7.84 0.40
N ASP A 73 8.00 8.19 0.56
CA ASP A 73 8.67 8.14 1.86
C ASP A 73 7.99 9.04 2.88
N ALA A 74 7.59 10.24 2.46
CA ALA A 74 6.88 11.21 3.31
C ALA A 74 5.54 10.66 3.77
N ILE A 75 4.85 9.96 2.87
CA ILE A 75 3.61 9.27 3.21
C ILE A 75 3.89 8.20 4.27
N ALA A 76 4.83 7.30 3.97
CA ALA A 76 5.26 6.28 4.93
C ALA A 76 5.65 6.85 6.30
N ARG A 77 6.28 8.02 6.31
CA ARG A 77 6.62 8.71 7.56
C ARG A 77 5.42 9.29 8.29
N GLY A 78 4.26 9.31 7.64
CA GLY A 78 3.06 9.91 8.22
C GLY A 78 3.06 11.44 8.19
N GLU A 79 3.93 12.02 7.37
CA GLU A 79 4.04 13.47 7.26
C GLU A 79 2.99 14.06 6.34
N ILE A 80 2.65 13.33 5.27
CA ILE A 80 1.64 13.75 4.32
C ILE A 80 0.70 12.59 4.00
N LYS A 81 -0.45 12.91 3.41
CA LYS A 81 -1.34 11.91 2.80
C LYS A 81 -1.67 12.35 1.38
N LEU A 82 -1.73 11.40 0.47
CA LEU A 82 -2.13 11.70 -0.92
C LEU A 82 -3.56 12.23 -0.98
N SER A 83 -4.38 11.88 0.01
CA SER A 83 -5.74 12.36 0.11
C SER A 83 -5.85 13.80 0.66
N ASP A 84 -4.75 14.35 1.18
CA ASP A 84 -4.74 15.75 1.70
C ASP A 84 -4.99 16.77 0.60
N PRO A 85 -5.83 17.80 0.88
CA PRO A 85 -5.94 18.89 -0.08
C PRO A 85 -4.62 19.65 -0.24
N THR A 86 -4.40 20.16 -1.43
CA THR A 86 -3.22 20.96 -1.72
C THR A 86 -3.11 22.15 -0.74
N THR A 87 -4.26 22.73 -0.39
CA THR A 87 -4.30 23.94 0.44
C THR A 87 -3.81 23.69 1.87
N LYS A 88 -3.89 22.44 2.35
CA LYS A 88 -3.32 22.07 3.64
C LYS A 88 -1.86 22.47 3.77
N TYR A 89 -1.11 22.40 2.66
CA TYR A 89 0.32 22.63 2.67
C TYR A 89 0.70 23.97 2.06
N TRP A 90 -0.23 24.62 1.38
CA TRP A 90 -0.03 25.97 0.87
C TRP A 90 -1.34 26.77 1.08
N PRO A 91 -1.54 27.29 2.30
CA PRO A 91 -2.76 28.00 2.70
C PRO A 91 -3.09 29.25 1.85
N GLU A 92 -2.07 29.85 1.25
CA GLU A 92 -2.24 31.03 0.42
C GLU A 92 -2.87 30.71 -0.95
N LEU A 93 -3.02 29.41 -1.25
CA LEU A 93 -3.69 28.95 -2.48
C LEU A 93 -5.20 28.97 -2.27
N THR A 94 -5.78 30.17 -2.23
CA THR A 94 -7.17 30.37 -1.84
C THR A 94 -8.19 30.38 -2.98
N ALA A 95 -7.73 30.52 -4.23
CA ALA A 95 -8.63 30.53 -5.38
C ALA A 95 -9.44 29.22 -5.43
N LYS A 96 -10.73 29.33 -5.73
CA LYS A 96 -11.68 28.24 -5.48
C LYS A 96 -11.54 27.02 -6.42
N GLN A 97 -10.80 27.15 -7.51
CA GLN A 97 -10.49 26.00 -8.37
C GLN A 97 -9.65 24.95 -7.65
N TRP A 98 -8.97 25.33 -6.58
CA TRP A 98 -8.12 24.42 -5.83
C TRP A 98 -8.90 23.55 -4.85
N ASN A 99 -10.16 23.91 -4.60
CA ASN A 99 -11.05 23.06 -3.80
C ASN A 99 -11.22 21.72 -4.51
N GLY A 100 -10.86 20.64 -3.81
CA GLY A 100 -10.98 19.30 -4.37
C GLY A 100 -9.74 18.80 -5.11
N ILE A 101 -8.70 19.64 -5.22
CA ILE A 101 -7.43 19.20 -5.81
C ILE A 101 -6.49 18.75 -4.70
N THR A 102 -6.21 17.45 -4.68
CA THR A 102 -5.41 16.81 -3.64
C THR A 102 -3.97 16.57 -4.10
N LEU A 103 -3.13 16.15 -3.16
CA LEU A 103 -1.73 15.82 -3.46
C LEU A 103 -1.65 14.63 -4.44
N LEU A 104 -2.59 13.70 -4.38
CA LEU A 104 -2.66 12.62 -5.38
C LEU A 104 -2.78 13.22 -6.80
N HIS A 105 -3.69 14.16 -6.97
CA HIS A 105 -3.93 14.77 -8.27
C HIS A 105 -2.65 15.42 -8.81
N LEU A 106 -1.94 16.16 -7.95
CA LEU A 106 -0.69 16.82 -8.30
C LEU A 106 0.41 15.82 -8.68
N ALA A 107 0.56 14.78 -7.87
CA ALA A 107 1.55 13.73 -8.12
C ALA A 107 1.34 12.97 -9.43
N THR A 108 0.08 12.83 -9.87
CA THR A 108 -0.27 11.97 -11.00
C THR A 108 -0.78 12.70 -12.26
N TYR A 109 -0.60 14.02 -12.28
CA TYR A 109 -0.95 14.86 -13.44
C TYR A 109 -2.45 14.92 -13.76
N THR A 110 -3.29 14.74 -12.72
CA THR A 110 -4.75 14.69 -12.89
C THR A 110 -5.49 15.82 -12.15
N ALA A 111 -4.80 16.93 -11.89
CA ALA A 111 -5.41 18.09 -11.23
C ALA A 111 -6.43 18.82 -12.12
N GLY A 112 -6.33 18.63 -13.43
CA GLY A 112 -7.28 19.21 -14.37
C GLY A 112 -6.66 20.13 -15.41
N GLY A 113 -5.46 19.80 -15.88
CA GLY A 113 -4.80 20.53 -16.95
C GLY A 113 -3.77 21.57 -16.56
N LEU A 114 -3.09 21.35 -15.43
CA LEU A 114 -1.90 22.14 -15.09
C LEU A 114 -0.91 22.01 -16.25
N PRO A 115 -0.25 23.13 -16.63
CA PRO A 115 0.55 23.10 -17.85
C PRO A 115 1.82 22.27 -17.80
N LEU A 116 2.20 21.78 -18.98
CA LEU A 116 3.44 21.03 -19.15
C LEU A 116 4.61 21.78 -18.55
N GLN A 117 4.74 23.06 -18.92
CA GLN A 117 5.87 23.89 -18.51
C GLN A 117 5.41 24.99 -17.56
N VAL A 118 6.18 25.21 -16.49
CA VAL A 118 6.05 26.43 -15.70
C VAL A 118 6.59 27.58 -16.57
N PRO A 119 5.81 28.65 -16.74
CA PRO A 119 6.30 29.74 -17.58
C PRO A 119 7.68 30.25 -17.14
N ASP A 120 8.51 30.62 -18.11
CA ASP A 120 9.86 31.17 -17.85
C ASP A 120 9.86 32.39 -16.92
N GLU A 121 8.77 33.14 -16.95
CA GLU A 121 8.67 34.42 -16.24
C GLU A 121 8.46 34.18 -14.75
N VAL A 122 7.95 32.99 -14.42
CA VAL A 122 7.69 32.62 -13.03
C VAL A 122 8.98 32.14 -12.36
N LYS A 123 9.52 32.98 -11.46
CA LYS A 123 10.78 32.69 -10.78
C LYS A 123 10.59 32.51 -9.28
N SER A 124 10.10 33.56 -8.62
CA SER A 124 10.00 33.61 -7.16
C SER A 124 8.80 32.82 -6.63
N SER A 125 8.72 32.71 -5.31
CA SER A 125 7.56 32.09 -4.65
C SER A 125 6.30 32.92 -4.92
N SER A 126 6.48 34.25 -4.93
CA SER A 126 5.41 35.19 -5.30
C SER A 126 4.87 34.91 -6.69
N ASP A 127 5.79 34.81 -7.65
CA ASP A 127 5.44 34.52 -9.03
C ASP A 127 4.70 33.20 -9.12
N LEU A 128 5.18 32.21 -8.37
CA LEU A 128 4.58 30.88 -8.35
C LEU A 128 3.16 30.90 -7.80
N LEU A 129 2.97 31.51 -6.63
CA LEU A 129 1.63 31.65 -6.05
C LEU A 129 0.66 32.31 -7.03
N ARG A 130 1.11 33.40 -7.65
CA ARG A 130 0.29 34.10 -8.62
C ARG A 130 -0.07 33.20 -9.81
N PHE A 131 0.93 32.48 -10.32
CA PHE A 131 0.73 31.54 -11.41
C PHE A 131 -0.33 30.47 -11.10
N TYR A 132 -0.26 29.83 -9.94
CA TYR A 132 -1.22 28.78 -9.59
C TYR A 132 -2.61 29.34 -9.25
N GLN A 133 -2.66 30.53 -8.66
CA GLN A 133 -3.94 31.17 -8.32
C GLN A 133 -4.71 31.54 -9.58
N ASN A 134 -4.00 32.04 -10.57
CA ASN A 134 -4.60 32.47 -11.83
C ASN A 134 -4.88 31.32 -12.80
N TRP A 135 -4.27 30.17 -12.54
CA TRP A 135 -4.45 28.99 -13.39
C TRP A 135 -5.90 28.51 -13.40
N GLN A 136 -6.47 28.37 -14.59
CA GLN A 136 -7.85 27.89 -14.72
C GLN A 136 -7.85 26.46 -15.29
N PRO A 137 -8.39 25.49 -14.52
CA PRO A 137 -8.41 24.12 -15.02
C PRO A 137 -9.31 23.93 -16.23
N ALA A 138 -8.91 23.04 -17.13
CA ALA A 138 -9.73 22.69 -18.29
C ALA A 138 -10.76 21.64 -17.91
N TRP A 139 -10.41 20.80 -16.93
CA TRP A 139 -11.24 19.68 -16.51
C TRP A 139 -11.37 19.64 -15.00
N ALA A 140 -12.38 18.94 -14.51
CA ALA A 140 -12.52 18.68 -13.08
C ALA A 140 -11.39 17.76 -12.59
N PRO A 141 -11.06 17.83 -11.29
CA PRO A 141 -10.01 16.98 -10.72
C PRO A 141 -10.28 15.48 -10.89
N GLY A 142 -9.24 14.73 -11.22
CA GLY A 142 -9.32 13.26 -11.31
C GLY A 142 -10.07 12.72 -12.52
N THR A 143 -10.07 13.49 -13.61
CA THR A 143 -10.83 13.11 -14.80
C THR A 143 -9.95 12.98 -16.05
N GLN A 144 -8.92 13.81 -16.17
CA GLN A 144 -7.96 13.70 -17.28
C GLN A 144 -6.52 13.82 -16.82
N ARG A 145 -5.65 13.08 -17.49
CA ARG A 145 -4.21 13.12 -17.26
C ARG A 145 -3.57 13.99 -18.34
N LEU A 146 -2.78 14.97 -17.90
CA LEU A 146 -1.96 15.78 -18.76
C LEU A 146 -0.61 15.92 -18.09
N TYR A 147 0.37 15.18 -18.60
CA TYR A 147 1.75 15.18 -18.08
C TYR A 147 2.24 16.62 -17.95
N ALA A 148 2.81 16.94 -16.79
CA ALA A 148 3.05 18.33 -16.44
C ALA A 148 4.11 18.50 -15.35
N ASN A 149 5.16 19.27 -15.66
CA ASN A 149 6.16 19.62 -14.66
C ASN A 149 5.56 20.50 -13.56
N SER A 150 4.56 21.30 -13.90
CA SER A 150 3.95 22.19 -12.92
C SER A 150 3.04 21.44 -11.94
N SER A 151 2.72 20.19 -12.25
CA SER A 151 1.91 19.35 -11.39
C SER A 151 2.77 18.58 -10.39
N ILE A 152 3.60 17.67 -10.89
CA ILE A 152 4.46 16.87 -9.99
C ILE A 152 5.53 17.74 -9.35
N GLY A 153 5.90 18.83 -10.00
CA GLY A 153 6.83 19.80 -9.41
C GLY A 153 6.28 20.37 -8.11
N LEU A 154 5.01 20.79 -8.15
CA LEU A 154 4.34 21.31 -6.96
C LEU A 154 4.15 20.21 -5.91
N PHE A 155 3.81 19.00 -6.34
CA PHE A 155 3.74 17.87 -5.42
C PHE A 155 5.03 17.74 -4.62
N GLY A 156 6.17 17.76 -5.31
CA GLY A 156 7.47 17.56 -4.67
C GLY A 156 7.76 18.64 -3.66
N ALA A 157 7.47 19.88 -4.03
CA ALA A 157 7.71 21.03 -3.15
C ALA A 157 6.85 20.94 -1.89
N LEU A 158 5.60 20.54 -2.06
CA LEU A 158 4.66 20.48 -0.93
C LEU A 158 4.89 19.25 -0.06
N ALA A 159 5.34 18.15 -0.66
CA ALA A 159 5.54 16.90 0.06
C ALA A 159 6.61 16.98 1.15
N VAL A 160 7.60 17.85 0.97
CA VAL A 160 8.70 17.99 1.93
C VAL A 160 8.46 19.09 2.98
N LYS A 161 7.31 19.77 2.92
CA LYS A 161 7.04 20.89 3.82
C LYS A 161 7.02 20.50 5.30
N PRO A 162 6.24 19.46 5.67
CA PRO A 162 6.25 19.06 7.07
C PRO A 162 7.62 18.66 7.63
N SER A 163 8.50 18.11 6.80
CA SER A 163 9.83 17.70 7.25
C SER A 163 10.69 18.87 7.75
N GLY A 164 10.42 20.08 7.24
CA GLY A 164 11.21 21.26 7.59
C GLY A 164 12.48 21.38 6.76
N LEU A 165 12.67 20.47 5.82
CA LEU A 165 13.87 20.42 5.00
C LEU A 165 13.59 21.00 3.63
N SER A 166 14.64 21.50 2.98
CA SER A 166 14.54 21.90 1.60
C SER A 166 14.35 20.62 0.78
N PHE A 167 13.83 20.76 -0.43
CA PHE A 167 13.64 19.57 -1.28
C PHE A 167 14.98 18.85 -1.51
N GLU A 168 16.05 19.60 -1.77
CA GLU A 168 17.39 19.00 -1.96
C GLU A 168 17.85 18.23 -0.72
N GLN A 169 17.79 18.87 0.44
CA GLN A 169 18.18 18.23 1.70
C GLN A 169 17.33 17.02 2.00
N ALA A 170 16.02 17.11 1.78
CA ALA A 170 15.14 15.96 1.93
C ALA A 170 15.58 14.81 1.03
N MET A 171 15.81 15.11 -0.25
CA MET A 171 16.22 14.07 -1.21
C MET A 171 17.58 13.43 -0.87
N GLN A 172 18.56 14.25 -0.52
CA GLN A 172 19.89 13.75 -0.11
C GLN A 172 19.80 12.82 1.08
N THR A 173 19.15 13.30 2.13
CA THR A 173 19.12 12.61 3.42
C THR A 173 18.23 11.36 3.40
N ARG A 174 17.11 11.44 2.71
CA ARG A 174 16.09 10.40 2.77
C ARG A 174 16.13 9.39 1.62
N VAL A 175 16.75 9.76 0.50
CA VAL A 175 16.80 8.85 -0.66
C VAL A 175 18.24 8.56 -1.13
N PHE A 176 19.00 9.58 -1.52
CA PHE A 176 20.36 9.38 -2.04
C PHE A 176 21.33 8.71 -1.06
N GLN A 177 21.42 9.26 0.16
CA GLN A 177 22.33 8.74 1.20
C GLN A 177 22.01 7.29 1.59
N PRO A 178 20.76 7.01 2.02
CA PRO A 178 20.42 5.61 2.38
C PRO A 178 20.69 4.58 1.28
N LEU A 179 20.48 4.97 0.02
CA LEU A 179 20.70 4.08 -1.12
C LEU A 179 22.12 4.09 -1.67
N LYS A 180 23.02 4.85 -1.04
CA LYS A 180 24.41 4.99 -1.46
C LYS A 180 24.56 5.50 -2.90
N LEU A 181 23.68 6.41 -3.27
CA LEU A 181 23.80 7.13 -4.53
C LEU A 181 24.69 8.36 -4.27
N ASN A 182 25.99 8.13 -4.20
CA ASN A 182 26.93 9.16 -3.75
C ASN A 182 27.50 10.00 -4.89
N HIS A 183 27.03 9.77 -6.11
CA HIS A 183 27.40 10.60 -7.26
C HIS A 183 26.12 10.99 -8.03
N THR A 184 25.10 11.34 -7.25
CA THR A 184 23.81 11.79 -7.75
C THR A 184 23.54 13.13 -7.09
N TRP A 185 23.21 14.13 -7.90
CA TRP A 185 23.18 15.53 -7.47
C TRP A 185 22.00 16.27 -8.06
N ILE A 186 21.40 17.15 -7.26
CA ILE A 186 20.47 18.15 -7.78
C ILE A 186 21.29 19.35 -8.26
N ASN A 187 22.31 19.71 -7.49
CA ASN A 187 23.30 20.70 -7.90
C ASN A 187 24.67 20.04 -7.92
N VAL A 188 25.31 20.05 -9.09
CA VAL A 188 26.60 19.41 -9.24
C VAL A 188 27.63 20.25 -8.49
N PRO A 189 28.34 19.66 -7.50
CA PRO A 189 29.39 20.42 -6.79
C PRO A 189 30.63 20.67 -7.66
N PRO A 190 31.35 21.78 -7.42
CA PRO A 190 32.59 22.06 -8.15
C PRO A 190 33.58 20.89 -8.25
N ALA A 191 33.70 20.11 -7.17
CA ALA A 191 34.58 18.95 -7.13
C ALA A 191 34.21 17.89 -8.16
N GLU A 192 32.94 17.87 -8.57
CA GLU A 192 32.41 16.85 -9.48
C GLU A 192 32.27 17.32 -10.93
N GLU A 193 32.51 18.61 -11.17
CA GLU A 193 32.35 19.20 -12.51
C GLU A 193 33.20 18.51 -13.59
N LYS A 194 34.36 17.98 -13.21
CA LYS A 194 35.20 17.21 -14.14
C LYS A 194 34.47 16.03 -14.76
N ASN A 195 33.46 15.50 -14.07
CA ASN A 195 32.70 14.34 -14.58
C ASN A 195 31.38 14.71 -15.26
N TYR A 196 31.02 15.98 -15.25
CA TYR A 196 29.73 16.42 -15.77
C TYR A 196 29.80 16.58 -17.28
N ALA A 197 29.17 15.63 -17.98
CA ALA A 197 29.06 15.67 -19.43
C ALA A 197 28.35 16.92 -19.90
N TRP A 198 28.68 17.35 -21.12
CA TRP A 198 27.93 18.38 -21.81
C TRP A 198 26.77 17.75 -22.55
N GLY A 199 25.64 18.44 -22.59
CA GLY A 199 24.54 18.05 -23.44
C GLY A 199 24.77 18.65 -24.81
N TYR A 200 24.19 18.05 -25.84
CA TYR A 200 24.35 18.57 -27.20
C TYR A 200 22.99 18.77 -27.89
N ARG A 201 22.76 20.01 -28.31
CA ARG A 201 21.53 20.40 -28.98
C ARG A 201 21.87 21.20 -30.23
N GLU A 202 21.49 20.67 -31.40
CA GLU A 202 21.90 21.24 -32.68
C GLU A 202 23.42 21.47 -32.71
N GLY A 203 24.16 20.52 -32.13
CA GLY A 203 25.61 20.59 -32.11
C GLY A 203 26.25 21.55 -31.11
N LYS A 204 25.44 22.28 -30.33
CA LYS A 204 25.98 23.18 -29.30
C LYS A 204 25.99 22.50 -27.93
N ALA A 205 27.07 22.72 -27.18
CA ALA A 205 27.20 22.20 -25.82
C ALA A 205 26.31 22.99 -24.89
N VAL A 206 25.38 22.29 -24.23
CA VAL A 206 24.44 22.94 -23.33
C VAL A 206 24.27 22.16 -22.04
N HIS A 207 23.99 22.90 -20.97
CA HIS A 207 23.56 22.34 -19.69
C HIS A 207 22.19 22.89 -19.38
N VAL A 208 21.50 22.22 -18.46
CA VAL A 208 20.12 22.58 -18.13
C VAL A 208 20.08 23.97 -17.48
N SER A 209 19.06 24.73 -17.86
CA SER A 209 18.83 26.08 -17.33
C SER A 209 18.07 26.02 -16.01
N PRO A 210 18.40 26.94 -15.07
CA PRO A 210 17.58 27.01 -13.87
C PRO A 210 16.14 27.40 -14.21
N GLY A 211 15.19 26.86 -13.47
CA GLY A 211 13.78 27.18 -13.68
C GLY A 211 13.02 26.87 -12.40
N ALA A 212 11.84 27.45 -12.26
CA ALA A 212 11.00 27.15 -11.09
C ALA A 212 10.65 25.67 -11.10
N LEU A 213 10.75 25.06 -9.92
CA LEU A 213 10.46 23.63 -9.70
C LEU A 213 11.32 22.70 -10.56
N ASP A 214 12.51 23.15 -10.94
CA ASP A 214 13.44 22.35 -11.73
C ASP A 214 13.95 21.11 -10.97
N ALA A 215 14.34 21.29 -9.73
CA ALA A 215 14.83 20.18 -8.89
C ALA A 215 13.81 19.04 -8.80
N GLU A 216 12.54 19.42 -8.62
CA GLU A 216 11.45 18.48 -8.40
C GLU A 216 10.99 17.75 -9.66
N ALA A 217 11.06 18.42 -10.81
CA ALA A 217 10.53 17.89 -12.06
C ALA A 217 11.59 17.35 -13.03
N TYR A 218 12.79 17.91 -13.03
CA TYR A 218 13.82 17.52 -14.01
C TYR A 218 15.28 17.82 -13.63
N GLY A 219 15.56 17.94 -12.34
CA GLY A 219 16.85 18.47 -11.91
C GLY A 219 17.94 17.53 -11.45
N VAL A 220 17.75 16.22 -11.59
CA VAL A 220 18.74 15.28 -11.09
C VAL A 220 19.79 14.94 -12.16
N LYS A 221 21.04 14.94 -11.74
CA LYS A 221 22.15 14.44 -12.55
C LYS A 221 22.78 13.24 -11.85
N SER A 222 23.09 12.21 -12.61
CA SER A 222 23.63 10.98 -12.02
C SER A 222 24.55 10.24 -12.97
N THR A 223 25.24 9.25 -12.42
CA THR A 223 26.13 8.34 -13.15
C THR A 223 25.39 7.08 -13.53
N ILE A 224 25.93 6.33 -14.48
CA ILE A 224 25.36 5.05 -14.86
C ILE A 224 25.42 4.06 -13.68
N GLU A 225 26.44 4.17 -12.83
CA GLU A 225 26.57 3.28 -11.66
C GLU A 225 25.48 3.53 -10.62
N ASP A 226 25.26 4.81 -10.31
CA ASP A 226 24.19 5.19 -9.38
C ASP A 226 22.81 4.85 -9.93
N MET A 227 22.61 5.06 -11.23
CA MET A 227 21.33 4.75 -11.84
C MET A 227 21.04 3.25 -11.90
N ALA A 228 22.07 2.43 -12.11
CA ALA A 228 21.91 0.97 -11.96
C ALA A 228 21.48 0.63 -10.53
N ARG A 229 22.07 1.33 -9.55
CA ARG A 229 21.74 1.12 -8.16
C ARG A 229 20.31 1.56 -7.80
N TRP A 230 19.88 2.65 -8.42
CA TRP A 230 18.50 3.12 -8.35
C TRP A 230 17.52 2.08 -8.90
N VAL A 231 17.84 1.49 -10.05
CA VAL A 231 17.01 0.43 -10.62
C VAL A 231 16.98 -0.79 -9.70
N GLN A 232 18.14 -1.21 -9.18
CA GLN A 232 18.21 -2.33 -8.24
C GLN A 232 17.35 -2.11 -6.99
N SER A 233 17.33 -0.87 -6.48
CA SER A 233 16.51 -0.52 -5.31
C SER A 233 15.02 -0.57 -5.60
N ASN A 234 14.63 -0.15 -6.81
CA ASN A 234 13.23 -0.19 -7.23
C ASN A 234 12.78 -1.57 -7.68
N LEU A 235 13.72 -2.39 -8.13
CA LEU A 235 13.47 -3.81 -8.43
C LEU A 235 13.18 -4.64 -7.18
N LYS A 236 13.91 -4.34 -6.11
CA LYS A 236 13.93 -5.14 -4.89
C LYS A 236 13.84 -4.25 -3.66
N PRO A 237 12.70 -3.56 -3.47
CA PRO A 237 12.62 -2.62 -2.34
C PRO A 237 12.66 -3.27 -0.95
N LEU A 238 12.34 -4.56 -0.86
CA LEU A 238 12.32 -5.25 0.43
C LEU A 238 13.72 -5.44 1.02
N ASP A 239 14.76 -5.34 0.17
CA ASP A 239 16.15 -5.37 0.60
C ASP A 239 16.63 -4.06 1.23
N ILE A 240 15.86 -3.00 1.06
CA ILE A 240 16.20 -1.70 1.63
C ILE A 240 15.88 -1.68 3.12
N ASN A 241 16.86 -1.25 3.91
CA ASN A 241 16.79 -1.38 5.36
C ASN A 241 15.98 -0.28 6.04
N GLU A 242 15.87 0.88 5.39
CA GLU A 242 15.11 1.99 5.94
C GLU A 242 13.64 1.73 5.63
N LYS A 243 12.82 1.65 6.68
CA LYS A 243 11.45 1.16 6.55
C LYS A 243 10.59 2.10 5.71
N THR A 244 10.69 3.40 5.95
CA THR A 244 9.85 4.37 5.24
C THR A 244 10.24 4.46 3.76
N LEU A 245 11.53 4.33 3.47
CA LEU A 245 12.02 4.38 2.08
C LEU A 245 11.57 3.13 1.31
N GLN A 246 11.66 1.98 1.96
CA GLN A 246 11.16 0.71 1.41
C GLN A 246 9.68 0.84 1.04
N GLN A 247 8.91 1.38 1.97
CA GLN A 247 7.47 1.58 1.79
C GLN A 247 7.20 2.63 0.70
N GLY A 248 8.00 3.69 0.69
CA GLY A 248 7.82 4.76 -0.30
C GLY A 248 8.06 4.32 -1.73
N ILE A 249 9.07 3.48 -1.92
CA ILE A 249 9.31 2.86 -3.23
C ILE A 249 8.11 2.04 -3.68
N GLN A 250 7.54 1.26 -2.78
CA GLN A 250 6.35 0.48 -3.10
C GLN A 250 5.14 1.36 -3.45
N LEU A 251 4.94 2.46 -2.72
CA LEU A 251 3.85 3.40 -3.03
C LEU A 251 4.01 4.08 -4.40
N ALA A 252 5.25 4.31 -4.82
CA ALA A 252 5.51 4.96 -6.11
C ALA A 252 5.17 4.04 -7.28
N GLN A 253 5.22 2.73 -7.04
CA GLN A 253 4.84 1.72 -8.05
C GLN A 253 3.40 1.23 -7.90
N SER A 254 2.63 1.80 -6.99
CA SER A 254 1.21 1.49 -6.92
C SER A 254 0.50 2.08 -8.13
N ARG A 255 -0.57 1.42 -8.58
CA ARG A 255 -1.30 1.89 -9.76
C ARG A 255 -2.51 2.74 -9.34
N TYR A 256 -2.46 4.03 -9.67
CA TYR A 256 -3.45 5.00 -9.21
C TYR A 256 -4.53 5.34 -10.24
N TRP A 257 -4.13 5.35 -11.51
CA TRP A 257 -4.99 5.69 -12.63
C TRP A 257 -4.61 4.81 -13.79
N GLN A 258 -5.56 4.55 -14.68
CA GLN A 258 -5.28 3.89 -15.94
C GLN A 258 -5.73 4.75 -17.13
N THR A 259 -4.88 4.83 -18.14
CA THR A 259 -5.23 5.37 -19.45
C THR A 259 -4.67 4.45 -20.53
N GLY A 260 -5.55 3.90 -21.35
CA GLY A 260 -5.17 2.87 -22.29
C GLY A 260 -4.64 1.68 -21.50
N ASP A 261 -3.45 1.22 -21.87
CA ASP A 261 -2.84 0.10 -21.15
C ASP A 261 -1.71 0.54 -20.20
N MET A 262 -1.62 1.83 -19.90
CA MET A 262 -0.63 2.33 -18.94
C MET A 262 -1.27 2.75 -17.62
N TYR A 263 -0.51 2.58 -16.55
CA TYR A 263 -0.93 2.93 -15.21
C TYR A 263 0.00 3.98 -14.66
N GLN A 264 -0.56 4.97 -13.99
CA GLN A 264 0.23 6.04 -13.41
C GLN A 264 0.57 5.74 -11.96
N GLY A 265 1.85 5.74 -11.64
CA GLY A 265 2.33 5.71 -10.27
C GLY A 265 2.78 7.08 -9.82
N LEU A 266 3.64 7.12 -8.81
CA LEU A 266 4.29 8.35 -8.39
C LEU A 266 5.64 8.40 -9.13
N GLY A 267 5.67 9.18 -10.20
CA GLY A 267 6.85 9.27 -11.05
C GLY A 267 6.88 8.12 -12.04
N TRP A 268 7.03 6.90 -11.55
CA TRP A 268 7.02 5.73 -12.40
C TRP A 268 5.71 5.60 -13.17
N GLU A 269 5.80 5.04 -14.38
CA GLU A 269 4.63 4.57 -15.11
C GLU A 269 4.79 3.06 -15.34
N MET A 270 3.67 2.35 -15.39
CA MET A 270 3.70 0.88 -15.41
C MET A 270 2.73 0.30 -16.41
N LEU A 271 3.11 -0.83 -17.00
CA LEU A 271 2.20 -1.64 -17.80
C LEU A 271 2.30 -3.08 -17.31
N ASP A 272 1.25 -3.85 -17.54
CA ASP A 272 1.29 -5.27 -17.24
C ASP A 272 2.31 -6.00 -18.11
N TRP A 273 3.10 -6.87 -17.48
CA TRP A 273 4.03 -7.74 -18.20
C TRP A 273 3.36 -9.11 -18.33
N PRO A 274 3.39 -9.74 -19.53
CA PRO A 274 4.10 -9.32 -20.74
C PRO A 274 3.44 -8.11 -21.39
N VAL A 275 4.27 -7.19 -21.90
CA VAL A 275 3.78 -5.99 -22.56
C VAL A 275 3.80 -6.20 -24.05
N ASN A 276 2.95 -5.44 -24.72
CA ASN A 276 3.00 -5.32 -26.16
C ASN A 276 3.97 -4.18 -26.46
N PRO A 277 5.07 -4.45 -27.18
CA PRO A 277 6.11 -3.44 -27.46
C PRO A 277 5.60 -2.24 -28.26
N ASP A 278 4.69 -2.48 -29.20
CA ASP A 278 3.99 -1.39 -29.90
C ASP A 278 3.33 -0.42 -28.93
N SER A 279 2.80 -0.91 -27.81
CA SER A 279 2.17 -0.04 -26.82
C SER A 279 3.17 0.85 -26.10
N ILE A 280 4.27 0.27 -25.61
CA ILE A 280 5.29 1.07 -24.93
C ILE A 280 6.11 1.94 -25.90
N ILE A 281 6.44 1.39 -27.08
CA ILE A 281 7.24 2.12 -28.05
C ILE A 281 6.43 3.30 -28.60
N ASN A 282 5.24 3.01 -29.12
CA ASN A 282 4.37 4.07 -29.66
C ASN A 282 3.84 4.97 -28.55
N GLY A 283 3.58 4.40 -27.37
CA GLY A 283 3.09 5.18 -26.23
C GLY A 283 4.09 6.21 -25.73
N SER A 284 5.38 5.97 -25.97
CA SER A 284 6.44 6.83 -25.46
C SER A 284 6.61 8.09 -26.31
N ASP A 285 6.11 8.03 -27.54
CA ASP A 285 6.14 9.19 -28.42
C ASP A 285 5.32 10.31 -27.76
N ASN A 286 5.82 11.53 -27.84
CA ASN A 286 5.19 12.69 -27.22
C ASN A 286 3.78 13.00 -27.75
N LYS A 287 3.48 12.58 -28.98
CA LYS A 287 2.11 12.74 -29.49
C LYS A 287 1.08 12.03 -28.60
N ILE A 288 1.51 10.93 -27.96
CA ILE A 288 0.68 10.25 -26.96
C ILE A 288 1.06 10.65 -25.52
N ALA A 289 2.37 10.64 -25.23
CA ALA A 289 2.85 10.84 -23.86
C ALA A 289 2.51 12.23 -23.26
N LEU A 290 2.48 13.25 -24.10
CA LEU A 290 2.13 14.61 -23.64
C LEU A 290 0.67 14.98 -23.90
N ALA A 291 -0.10 14.05 -24.46
CA ALA A 291 -1.51 14.29 -24.81
C ALA A 291 -2.43 14.27 -23.59
N ALA A 292 -3.49 15.06 -23.63
CA ALA A 292 -4.55 15.00 -22.63
C ALA A 292 -5.39 13.75 -22.87
N ARG A 293 -5.53 12.91 -21.84
CA ARG A 293 -6.27 11.65 -21.95
C ARG A 293 -7.14 11.40 -20.72
N PRO A 294 -8.37 10.90 -20.93
CA PRO A 294 -9.20 10.57 -19.77
C PRO A 294 -8.60 9.42 -18.97
N VAL A 295 -8.75 9.50 -17.65
CA VAL A 295 -8.23 8.47 -16.75
C VAL A 295 -9.37 7.76 -16.02
N LYS A 296 -9.18 6.48 -15.77
CA LYS A 296 -10.06 5.68 -14.92
C LYS A 296 -9.37 5.51 -13.57
N ALA A 297 -10.04 5.87 -12.50
CA ALA A 297 -9.50 5.71 -11.15
C ALA A 297 -9.39 4.23 -10.81
N ILE A 298 -8.27 3.85 -10.19
CA ILE A 298 -8.10 2.51 -9.68
C ILE A 298 -8.42 2.63 -8.20
N THR A 299 -9.61 2.17 -7.84
CA THR A 299 -10.22 2.43 -6.54
C THR A 299 -10.42 1.13 -5.74
N PRO A 300 -9.56 0.88 -4.75
CA PRO A 300 -8.38 1.64 -4.33
C PRO A 300 -7.18 1.27 -5.21
N PRO A 301 -6.08 2.03 -5.12
CA PRO A 301 -4.90 1.73 -5.93
C PRO A 301 -4.34 0.32 -5.75
N THR A 302 -3.84 -0.26 -6.84
CA THR A 302 -3.25 -1.58 -6.78
C THR A 302 -1.83 -1.48 -6.27
N PRO A 303 -1.49 -2.23 -5.19
CA PRO A 303 -0.09 -2.25 -4.76
C PRO A 303 0.82 -2.71 -5.89
N ALA A 304 2.07 -2.25 -5.85
CA ALA A 304 3.09 -2.64 -6.83
C ALA A 304 2.94 -4.10 -7.31
N VAL A 305 2.62 -4.24 -8.60
CA VAL A 305 2.51 -5.53 -9.25
C VAL A 305 3.90 -5.95 -9.75
N ARG A 306 4.38 -7.10 -9.31
CA ARG A 306 5.70 -7.59 -9.73
C ARG A 306 5.76 -7.88 -11.23
N ALA A 307 4.66 -8.35 -11.81
CA ALA A 307 4.60 -8.64 -13.23
C ALA A 307 4.25 -7.36 -14.02
N SER A 308 5.14 -6.37 -13.93
CA SER A 308 4.96 -5.10 -14.61
C SER A 308 6.21 -4.72 -15.38
N TRP A 309 6.02 -3.96 -16.46
CA TRP A 309 7.09 -3.20 -17.08
C TRP A 309 7.00 -1.79 -16.48
N VAL A 310 7.97 -1.43 -15.65
CA VAL A 310 7.98 -0.16 -14.94
C VAL A 310 9.05 0.70 -15.60
N HIS A 311 8.70 1.94 -15.95
CA HIS A 311 9.59 2.76 -16.76
C HIS A 311 9.37 4.27 -16.63
N LYS A 312 10.30 5.03 -17.21
CA LYS A 312 10.20 6.47 -17.32
C LYS A 312 11.21 6.97 -18.34
N THR A 313 10.72 7.78 -19.28
CA THR A 313 11.60 8.51 -20.20
C THR A 313 11.91 9.87 -19.57
N GLY A 314 13.01 10.48 -20.00
CA GLY A 314 13.42 11.76 -19.44
C GLY A 314 14.32 12.51 -20.40
N ALA A 315 14.13 13.82 -20.52
CA ALA A 315 14.97 14.63 -21.39
C ALA A 315 15.25 16.00 -20.79
N THR A 316 16.38 16.57 -21.19
CA THR A 316 16.60 18.02 -21.10
C THR A 316 16.90 18.48 -22.52
N GLY A 317 17.25 19.76 -22.68
CA GLY A 317 17.59 20.29 -23.98
C GLY A 317 18.72 19.51 -24.65
N GLY A 318 19.69 19.09 -23.85
CA GLY A 318 20.87 18.40 -24.36
C GLY A 318 21.06 16.94 -24.01
N PHE A 319 20.09 16.33 -23.30
CA PHE A 319 20.20 14.94 -22.82
C PHE A 319 18.92 14.12 -23.04
N GLY A 320 19.07 12.82 -23.20
CA GLY A 320 17.95 11.88 -23.37
C GLY A 320 18.21 10.61 -22.59
N SER A 321 17.29 10.28 -21.68
N SER A 321 17.29 10.27 -21.69
CA SER A 321 17.45 9.12 -20.79
CA SER A 321 17.45 9.12 -20.81
C SER A 321 16.23 8.20 -20.82
C SER A 321 16.23 8.20 -20.80
N TYR A 322 16.44 6.97 -20.35
CA TYR A 322 15.37 5.99 -20.20
C TYR A 322 15.76 4.96 -19.16
N VAL A 323 14.80 4.62 -18.30
CA VAL A 323 14.95 3.53 -17.36
C VAL A 323 13.72 2.64 -17.46
N ALA A 324 13.93 1.33 -17.48
CA ALA A 324 12.85 0.35 -17.48
C ALA A 324 13.28 -0.86 -16.67
N PHE A 325 12.35 -1.45 -15.92
CA PHE A 325 12.64 -2.71 -15.22
C PHE A 325 11.40 -3.58 -15.08
N ILE A 326 11.63 -4.88 -14.91
CA ILE A 326 10.56 -5.87 -14.72
C ILE A 326 10.84 -6.63 -13.41
N PRO A 327 10.18 -6.27 -12.32
CA PRO A 327 10.46 -6.90 -11.01
C PRO A 327 10.38 -8.42 -11.00
N GLU A 328 9.36 -8.96 -11.68
CA GLU A 328 9.18 -10.41 -11.81
C GLU A 328 10.45 -11.11 -12.29
N LYS A 329 11.20 -10.46 -13.19
CA LYS A 329 12.35 -11.07 -13.86
C LYS A 329 13.74 -10.63 -13.38
N GLU A 330 13.79 -9.87 -12.28
N GLU A 330 13.78 -9.82 -12.32
CA GLU A 330 15.06 -9.29 -11.78
CA GLU A 330 15.03 -9.30 -11.79
C GLU A 330 15.84 -8.61 -12.91
C GLU A 330 15.84 -8.62 -12.90
N LEU A 331 15.12 -7.92 -13.79
CA LEU A 331 15.67 -7.44 -15.04
C LEU A 331 15.40 -5.95 -15.24
N GLY A 332 16.41 -5.22 -15.72
CA GLY A 332 16.28 -3.80 -15.96
C GLY A 332 17.33 -3.17 -16.84
N ILE A 333 17.08 -1.93 -17.23
CA ILE A 333 17.99 -1.21 -18.09
C ILE A 333 17.99 0.29 -17.78
N VAL A 334 19.17 0.89 -17.90
CA VAL A 334 19.33 2.34 -17.88
C VAL A 334 20.08 2.74 -19.15
N MET A 335 19.55 3.74 -19.85
CA MET A 335 20.18 4.29 -21.04
C MET A 335 20.31 5.81 -20.87
N LEU A 336 21.54 6.30 -20.84
CA LEU A 336 21.82 7.71 -20.59
C LEU A 336 22.59 8.25 -21.79
N ALA A 337 22.12 9.35 -22.37
CA ALA A 337 22.77 9.93 -23.55
C ALA A 337 22.83 11.45 -23.44
N ASN A 338 23.89 12.04 -23.99
CA ASN A 338 23.99 13.51 -24.05
C ASN A 338 23.51 14.09 -25.39
N LYS A 339 22.42 13.53 -25.90
CA LYS A 339 21.57 14.18 -26.89
C LYS A 339 20.12 13.79 -26.57
N ASN A 340 19.20 14.72 -26.73
CA ASN A 340 17.77 14.44 -26.65
C ASN A 340 17.30 13.86 -27.99
N TYR A 341 17.22 12.54 -28.08
CA TYR A 341 16.76 11.87 -29.30
C TYR A 341 15.38 11.26 -29.01
N PRO A 342 14.60 10.94 -30.05
CA PRO A 342 13.20 10.53 -29.84
C PRO A 342 12.96 9.37 -28.87
N ASN A 343 11.98 9.53 -27.97
CA ASN A 343 11.62 8.49 -26.99
C ASN A 343 11.39 7.09 -27.57
N PRO A 344 10.68 6.99 -28.71
CA PRO A 344 10.43 5.64 -29.26
C PRO A 344 11.69 4.87 -29.63
N ALA A 345 12.72 5.57 -30.11
CA ALA A 345 14.02 4.97 -30.36
C ALA A 345 14.64 4.39 -29.07
N ARG A 346 14.46 5.09 -27.96
CA ARG A 346 14.93 4.64 -26.63
C ARG A 346 14.21 3.37 -26.20
N VAL A 347 12.88 3.42 -26.24
CA VAL A 347 12.07 2.31 -25.79
C VAL A 347 12.25 1.10 -26.70
N ASP A 348 12.41 1.32 -28.00
CA ASP A 348 12.66 0.20 -28.93
C ASP A 348 13.95 -0.52 -28.58
N ALA A 349 15.04 0.23 -28.43
CA ALA A 349 16.34 -0.33 -28.03
C ALA A 349 16.22 -1.10 -26.72
N ALA A 350 15.58 -0.49 -25.72
CA ALA A 350 15.39 -1.11 -24.41
C ALA A 350 14.62 -2.43 -24.50
N TRP A 351 13.53 -2.43 -25.25
CA TRP A 351 12.70 -3.62 -25.30
C TRP A 351 13.43 -4.76 -26.01
N GLN A 352 14.14 -4.46 -27.10
CA GLN A 352 14.92 -5.47 -27.81
C GLN A 352 15.93 -6.14 -26.87
N ILE A 353 16.58 -5.34 -26.02
CA ILE A 353 17.57 -5.85 -25.08
C ILE A 353 16.92 -6.71 -23.99
N LEU A 354 15.89 -6.18 -23.33
CA LEU A 354 15.27 -6.89 -22.22
C LEU A 354 14.50 -8.12 -22.70
N ASN A 355 13.83 -8.02 -23.84
CA ASN A 355 13.12 -9.18 -24.38
C ASN A 355 14.08 -10.34 -24.66
N ALA A 356 15.25 -10.03 -25.20
CA ALA A 356 16.29 -11.03 -25.49
C ALA A 356 16.82 -11.75 -24.25
N LEU A 357 16.85 -11.05 -23.11
CA LEU A 357 17.43 -11.58 -21.87
C LEU A 357 16.38 -12.19 -20.94
N GLN A 358 15.11 -12.00 -21.28
CA GLN A 358 14.00 -12.44 -20.44
C GLN A 358 13.78 -13.94 -20.62
N ALA B 1 6.30 -11.44 34.75
CA ALA B 1 5.50 -10.24 34.41
C ALA B 1 5.88 -9.06 35.30
N PRO B 2 6.19 -7.89 34.70
CA PRO B 2 6.40 -6.68 35.49
C PRO B 2 5.31 -6.45 36.53
N GLN B 3 5.72 -5.90 37.68
CA GLN B 3 4.81 -5.55 38.75
C GLN B 3 3.67 -4.63 38.27
N GLN B 4 4.00 -3.62 37.46
CA GLN B 4 3.00 -2.66 36.99
C GLN B 4 1.98 -3.31 36.02
N ILE B 5 2.42 -4.36 35.30
CA ILE B 5 1.51 -5.14 34.46
C ILE B 5 0.63 -6.08 35.29
N ASN B 6 1.25 -6.81 36.22
CA ASN B 6 0.49 -7.65 37.17
C ASN B 6 -0.53 -6.82 37.96
N ASP B 7 -0.14 -5.60 38.32
CA ASP B 7 -0.97 -4.71 39.12
C ASP B 7 -2.23 -4.25 38.37
N ILE B 8 -2.04 -3.63 37.21
CA ILE B 8 -3.16 -3.03 36.47
C ILE B 8 -4.14 -4.08 35.92
N VAL B 9 -3.62 -5.22 35.46
CA VAL B 9 -4.46 -6.30 34.93
C VAL B 9 -5.36 -6.90 35.99
N HIS B 10 -4.77 -7.21 37.15
CA HIS B 10 -5.48 -7.82 38.27
C HIS B 10 -6.59 -6.91 38.78
N ARG B 11 -6.25 -5.64 38.98
CA ARG B 11 -7.22 -4.66 39.48
C ARG B 11 -8.34 -4.37 38.47
N THR B 12 -8.10 -4.64 37.18
CA THR B 12 -9.11 -4.37 36.15
C THR B 12 -9.97 -5.59 35.79
N ILE B 13 -9.34 -6.70 35.42
CA ILE B 13 -10.07 -7.86 34.87
C ILE B 13 -10.77 -8.73 35.92
N THR B 14 -10.19 -8.84 37.11
CA THR B 14 -10.76 -9.64 38.19
C THR B 14 -12.17 -9.14 38.60
N PRO B 15 -12.32 -7.82 38.87
CA PRO B 15 -13.68 -7.30 39.09
C PRO B 15 -14.62 -7.45 37.90
N LEU B 16 -14.09 -7.29 36.68
CA LEU B 16 -14.88 -7.52 35.45
C LEU B 16 -15.50 -8.91 35.43
N ILE B 17 -14.69 -9.92 35.75
CA ILE B 17 -15.14 -11.32 35.76
C ILE B 17 -16.32 -11.53 36.73
N GLU B 18 -16.21 -11.00 37.95
CA GLU B 18 -17.30 -11.10 38.93
C GLU B 18 -18.49 -10.24 38.49
N GLN B 19 -18.22 -9.00 38.08
CA GLN B 19 -19.27 -8.09 37.61
C GLN B 19 -20.13 -8.68 36.50
N GLN B 20 -19.48 -9.34 35.53
CA GLN B 20 -20.18 -9.89 34.37
C GLN B 20 -20.45 -11.39 34.49
N LYS B 21 -19.91 -12.01 35.55
CA LYS B 21 -20.09 -13.44 35.83
C LYS B 21 -19.52 -14.29 34.70
N ILE B 22 -18.25 -14.07 34.39
CA ILE B 22 -17.58 -14.80 33.31
C ILE B 22 -16.97 -16.09 33.88
N PRO B 23 -17.45 -17.26 33.41
CA PRO B 23 -16.89 -18.54 33.86
C PRO B 23 -15.37 -18.69 33.69
N GLY B 24 -14.87 -18.39 32.49
CA GLY B 24 -13.45 -18.52 32.18
C GLY B 24 -12.96 -17.38 31.33
N MET B 25 -11.68 -17.05 31.46
CA MET B 25 -11.12 -15.91 30.76
C MET B 25 -9.61 -15.99 30.65
N ALA B 26 -9.09 -15.65 29.46
CA ALA B 26 -7.66 -15.54 29.25
C ALA B 26 -7.33 -14.15 28.75
N VAL B 27 -6.17 -13.64 29.15
CA VAL B 27 -5.73 -12.31 28.75
C VAL B 27 -4.24 -12.34 28.45
N ALA B 28 -3.87 -11.76 27.32
CA ALA B 28 -2.48 -11.51 26.98
C ALA B 28 -2.29 -10.01 26.93
N VAL B 29 -1.20 -9.53 27.53
CA VAL B 29 -0.78 -8.14 27.36
C VAL B 29 0.57 -8.15 26.70
N ILE B 30 0.67 -7.45 25.57
CA ILE B 30 1.94 -7.28 24.90
C ILE B 30 2.50 -5.94 25.37
N TYR B 31 3.64 -6.00 26.05
CA TYR B 31 4.33 -4.83 26.56
C TYR B 31 5.74 -4.82 26.01
N GLN B 32 6.07 -3.74 25.30
CA GLN B 32 7.35 -3.63 24.57
C GLN B 32 7.58 -4.83 23.64
N GLY B 33 6.51 -5.33 23.04
CA GLY B 33 6.60 -6.45 22.09
C GLY B 33 6.55 -7.85 22.69
N LYS B 34 6.65 -7.95 24.01
CA LYS B 34 6.71 -9.24 24.71
C LYS B 34 5.37 -9.53 25.40
N PRO B 35 4.86 -10.78 25.27
CA PRO B 35 3.57 -11.14 25.86
C PRO B 35 3.64 -11.55 27.33
N TYR B 36 2.56 -11.25 28.05
CA TYR B 36 2.40 -11.65 29.45
C TYR B 36 0.98 -12.15 29.60
N TYR B 37 0.84 -13.37 30.11
CA TYR B 37 -0.44 -14.06 30.09
C TYR B 37 -1.05 -14.12 31.47
N PHE B 38 -2.38 -14.18 31.51
CA PHE B 38 -3.14 -14.31 32.74
C PHE B 38 -4.34 -15.17 32.42
N THR B 39 -4.74 -16.00 33.37
CA THR B 39 -5.92 -16.86 33.18
C THR B 39 -6.71 -16.95 34.47
N TRP B 40 -8.02 -17.14 34.34
CA TRP B 40 -8.93 -17.24 35.46
C TRP B 40 -10.05 -18.20 35.10
N GLY B 41 -10.58 -18.90 36.12
CA GLY B 41 -11.81 -19.66 35.98
C GLY B 41 -11.69 -20.95 35.20
N TYR B 42 -12.82 -21.45 34.72
CA TYR B 42 -12.89 -22.75 34.07
C TYR B 42 -13.20 -22.65 32.58
N ALA B 43 -12.51 -23.46 31.78
CA ALA B 43 -12.87 -23.69 30.38
C ALA B 43 -14.18 -24.49 30.29
N ASP B 44 -14.34 -25.44 31.22
CA ASP B 44 -15.58 -26.21 31.37
C ASP B 44 -15.98 -26.23 32.85
N ILE B 45 -17.20 -25.76 33.14
CA ILE B 45 -17.68 -25.63 34.52
C ILE B 45 -18.05 -26.99 35.11
N ALA B 46 -18.89 -27.74 34.39
CA ALA B 46 -19.32 -29.07 34.81
C ALA B 46 -18.15 -29.95 35.31
N LYS B 47 -17.06 -29.98 34.55
CA LYS B 47 -15.92 -30.85 34.85
C LYS B 47 -14.74 -30.10 35.49
N LYS B 48 -14.98 -28.90 36.00
CA LYS B 48 -13.94 -28.06 36.60
C LYS B 48 -12.60 -28.11 35.84
N GLN B 49 -12.68 -27.91 34.53
CA GLN B 49 -11.48 -27.82 33.69
C GLN B 49 -10.94 -26.40 33.77
N PRO B 50 -9.70 -26.23 34.28
CA PRO B 50 -9.17 -24.87 34.36
C PRO B 50 -8.88 -24.30 32.98
N VAL B 51 -9.12 -22.99 32.81
CA VAL B 51 -8.65 -22.28 31.64
C VAL B 51 -7.14 -22.31 31.68
N THR B 52 -6.53 -22.94 30.67
CA THR B 52 -5.08 -22.93 30.51
C THR B 52 -4.74 -22.07 29.31
N GLN B 53 -3.45 -21.87 29.11
CA GLN B 53 -2.97 -21.15 27.95
C GLN B 53 -3.01 -22.02 26.67
N GLN B 54 -3.55 -23.24 26.79
CA GLN B 54 -3.83 -24.10 25.64
C GLN B 54 -5.34 -24.26 25.41
N THR B 55 -6.16 -23.47 26.10
CA THR B 55 -7.62 -23.52 25.93
C THR B 55 -8.05 -22.77 24.66
N LEU B 56 -8.87 -23.42 23.83
CA LEU B 56 -9.40 -22.80 22.61
C LEU B 56 -10.73 -22.10 22.89
N PHE B 57 -10.79 -20.82 22.53
CA PHE B 57 -12.01 -20.03 22.61
C PHE B 57 -12.50 -19.78 21.20
N GLU B 58 -13.81 -19.60 21.03
CA GLU B 58 -14.36 -19.11 19.76
C GLU B 58 -14.16 -17.60 19.68
N LEU B 59 -13.50 -17.15 18.62
CA LEU B 59 -13.18 -15.74 18.45
C LEU B 59 -14.38 -14.93 17.93
N GLY B 60 -15.38 -15.63 17.39
CA GLY B 60 -16.51 -14.96 16.75
C GLY B 60 -15.99 -14.05 15.66
N SER B 61 -16.43 -12.79 15.69
CA SER B 61 -16.11 -11.80 14.65
C SER B 61 -14.67 -11.29 14.63
N VAL B 62 -13.90 -11.60 15.67
CA VAL B 62 -12.46 -11.31 15.65
C VAL B 62 -11.79 -12.15 14.53
N SER B 63 -12.44 -13.25 14.13
CA SER B 63 -12.08 -14.01 12.92
C SER B 63 -11.96 -13.16 11.65
N LYS B 64 -12.72 -12.05 11.58
CA LYS B 64 -12.69 -11.13 10.44
C LYS B 64 -11.31 -10.52 10.21
N THR B 65 -10.51 -10.40 11.27
CA THR B 65 -9.16 -9.88 11.14
C THR B 65 -8.25 -10.87 10.38
N PHE B 66 -8.45 -12.16 10.62
CA PHE B 66 -7.76 -13.20 9.84
C PHE B 66 -8.20 -13.15 8.38
N THR B 67 -9.50 -12.99 8.16
CA THR B 67 -10.05 -12.92 6.80
C THR B 67 -9.52 -11.71 6.05
N GLY B 68 -9.46 -10.57 6.74
CA GLY B 68 -8.87 -9.36 6.17
C GLY B 68 -7.41 -9.54 5.78
N VAL B 69 -6.63 -10.13 6.68
CA VAL B 69 -5.21 -10.39 6.44
C VAL B 69 -5.02 -11.41 5.30
N LEU B 70 -5.83 -12.47 5.29
CA LEU B 70 -5.80 -13.42 4.19
C LEU B 70 -6.08 -12.71 2.86
N GLY B 71 -7.05 -11.80 2.87
CA GLY B 71 -7.36 -11.00 1.69
C GLY B 71 -6.18 -10.13 1.27
N GLY B 72 -5.56 -9.47 2.25
CA GLY B 72 -4.41 -8.61 1.98
C GLY B 72 -3.26 -9.40 1.36
N ASP B 73 -3.04 -10.59 1.90
CA ASP B 73 -2.00 -11.49 1.36
C ASP B 73 -2.26 -11.88 -0.10
N ALA B 74 -3.54 -12.13 -0.44
CA ALA B 74 -3.95 -12.44 -1.82
C ALA B 74 -3.77 -11.23 -2.75
N ILE B 75 -4.01 -10.04 -2.24
CA ILE B 75 -3.73 -8.83 -3.00
C ILE B 75 -2.23 -8.72 -3.28
N ALA B 76 -1.44 -8.89 -2.23
CA ALA B 76 0.02 -8.85 -2.30
C ALA B 76 0.59 -9.91 -3.25
N ARG B 77 -0.06 -11.07 -3.30
CA ARG B 77 0.30 -12.14 -4.23
C ARG B 77 -0.04 -11.81 -5.69
N GLY B 78 -0.80 -10.74 -5.90
CA GLY B 78 -1.26 -10.37 -7.24
C GLY B 78 -2.41 -11.23 -7.74
N GLU B 79 -3.07 -11.97 -6.83
CA GLU B 79 -4.18 -12.85 -7.19
C GLU B 79 -5.52 -12.10 -7.31
N ILE B 80 -5.72 -11.12 -6.44
CA ILE B 80 -6.92 -10.28 -6.47
C ILE B 80 -6.55 -8.80 -6.34
N LYS B 81 -7.49 -7.94 -6.74
CA LYS B 81 -7.40 -6.49 -6.49
C LYS B 81 -8.71 -6.05 -5.84
N LEU B 82 -8.63 -5.14 -4.87
CA LEU B 82 -9.83 -4.64 -4.19
C LEU B 82 -10.70 -3.84 -5.15
N SER B 83 -10.11 -3.34 -6.23
CA SER B 83 -10.84 -2.63 -7.26
C SER B 83 -11.61 -3.53 -8.23
N ASP B 84 -11.40 -4.85 -8.15
CA ASP B 84 -12.08 -5.83 -9.03
C ASP B 84 -13.57 -5.91 -8.69
N PRO B 85 -14.43 -6.03 -9.73
CA PRO B 85 -15.83 -6.30 -9.47
C PRO B 85 -16.04 -7.67 -8.84
N THR B 86 -17.07 -7.78 -8.00
CA THR B 86 -17.41 -9.05 -7.38
C THR B 86 -17.66 -10.11 -8.45
N THR B 87 -18.26 -9.69 -9.57
CA THR B 87 -18.64 -10.61 -10.64
C THR B 87 -17.44 -11.26 -11.36
N LYS B 88 -16.25 -10.69 -11.22
CA LYS B 88 -15.03 -11.28 -11.76
C LYS B 88 -14.74 -12.66 -11.16
N TYR B 89 -15.08 -12.83 -9.88
CA TYR B 89 -14.82 -14.06 -9.14
C TYR B 89 -16.05 -14.93 -8.94
N TRP B 90 -17.23 -14.38 -9.23
CA TRP B 90 -18.48 -15.14 -9.21
C TRP B 90 -19.31 -14.75 -10.42
N PRO B 91 -18.95 -15.27 -11.62
CA PRO B 91 -19.61 -14.87 -12.87
C PRO B 91 -21.11 -15.13 -12.91
N GLU B 92 -21.60 -16.04 -12.07
CA GLU B 92 -23.03 -16.37 -12.02
C GLU B 92 -23.85 -15.30 -11.27
N LEU B 93 -23.15 -14.39 -10.61
CA LEU B 93 -23.76 -13.23 -9.98
C LEU B 93 -23.98 -12.16 -11.06
N THR B 94 -25.06 -12.34 -11.82
CA THR B 94 -25.31 -11.57 -13.02
C THR B 94 -26.40 -10.49 -12.87
N ALA B 95 -27.10 -10.50 -11.74
CA ALA B 95 -28.19 -9.56 -11.49
C ALA B 95 -27.67 -8.13 -11.48
N LYS B 96 -28.51 -7.21 -11.96
CA LYS B 96 -28.10 -5.84 -12.28
C LYS B 96 -27.57 -5.03 -11.10
N GLN B 97 -28.04 -5.32 -9.89
CA GLN B 97 -27.61 -4.56 -8.70
C GLN B 97 -26.15 -4.79 -8.31
N TRP B 98 -25.53 -5.84 -8.84
CA TRP B 98 -24.13 -6.15 -8.53
C TRP B 98 -23.14 -5.34 -9.37
N ASN B 99 -23.63 -4.65 -10.41
CA ASN B 99 -22.78 -3.76 -11.21
C ASN B 99 -22.18 -2.65 -10.35
N GLY B 100 -20.86 -2.57 -10.33
CA GLY B 100 -20.17 -1.59 -9.49
C GLY B 100 -19.91 -1.97 -8.04
N ILE B 101 -20.37 -3.14 -7.59
CA ILE B 101 -19.96 -3.64 -6.27
C ILE B 101 -18.63 -4.38 -6.37
N THR B 102 -17.61 -3.85 -5.72
CA THR B 102 -16.24 -4.34 -5.82
C THR B 102 -15.87 -5.15 -4.59
N LEU B 103 -14.73 -5.84 -4.64
CA LEU B 103 -14.23 -6.58 -3.49
C LEU B 103 -14.01 -5.65 -2.30
N LEU B 104 -13.57 -4.41 -2.56
CA LEU B 104 -13.42 -3.41 -1.50
C LEU B 104 -14.74 -3.23 -0.74
N HIS B 105 -15.82 -3.07 -1.49
CA HIS B 105 -17.14 -2.88 -0.91
C HIS B 105 -17.52 -4.04 0.00
N LEU B 106 -17.31 -5.26 -0.48
CA LEU B 106 -17.59 -6.45 0.30
C LEU B 106 -16.75 -6.53 1.59
N ALA B 107 -15.45 -6.26 1.46
CA ALA B 107 -14.52 -6.36 2.58
C ALA B 107 -14.77 -5.34 3.69
N THR B 108 -15.30 -4.17 3.33
CA THR B 108 -15.45 -3.03 4.25
C THR B 108 -16.93 -2.70 4.54
N TYR B 109 -17.83 -3.61 4.19
CA TYR B 109 -19.26 -3.47 4.53
C TYR B 109 -19.95 -2.29 3.84
N THR B 110 -19.48 -1.92 2.65
CA THR B 110 -19.96 -0.71 1.98
C THR B 110 -20.60 -1.02 0.63
N ALA B 111 -21.08 -2.26 0.45
CA ALA B 111 -21.74 -2.68 -0.78
C ALA B 111 -23.11 -2.03 -0.97
N GLY B 112 -23.72 -1.59 0.13
CA GLY B 112 -25.02 -0.92 0.07
C GLY B 112 -26.10 -1.66 0.82
N GLY B 113 -25.72 -2.25 1.95
CA GLY B 113 -26.68 -2.85 2.87
C GLY B 113 -26.88 -4.34 2.78
N LEU B 114 -25.84 -5.09 2.41
CA LEU B 114 -25.85 -6.54 2.58
C LEU B 114 -26.12 -6.83 4.06
N PRO B 115 -26.94 -7.86 4.35
CA PRO B 115 -27.44 -8.06 5.72
C PRO B 115 -26.42 -8.52 6.75
N LEU B 116 -26.68 -8.15 8.01
CA LEU B 116 -25.86 -8.56 9.15
C LEU B 116 -25.59 -10.07 9.15
N GLN B 117 -26.65 -10.87 9.00
CA GLN B 117 -26.51 -12.32 8.93
C GLN B 117 -26.93 -12.82 7.57
N VAL B 118 -26.27 -13.87 7.11
CA VAL B 118 -26.80 -14.71 6.05
C VAL B 118 -27.94 -15.50 6.71
N PRO B 119 -29.15 -15.49 6.12
CA PRO B 119 -30.28 -16.19 6.75
C PRO B 119 -29.99 -17.66 7.04
N ASP B 120 -30.54 -18.17 8.15
CA ASP B 120 -30.23 -19.52 8.63
C ASP B 120 -30.62 -20.63 7.66
N GLU B 121 -31.64 -20.38 6.85
CA GLU B 121 -32.14 -21.35 5.90
C GLU B 121 -31.23 -21.47 4.67
N VAL B 122 -30.43 -20.42 4.42
CA VAL B 122 -29.45 -20.43 3.34
C VAL B 122 -28.22 -21.24 3.76
N LYS B 123 -27.99 -22.36 3.09
CA LYS B 123 -26.92 -23.30 3.47
C LYS B 123 -25.98 -23.66 2.31
N SER B 124 -26.57 -24.12 1.21
CA SER B 124 -25.81 -24.61 0.04
C SER B 124 -25.32 -23.50 -0.88
N SER B 125 -24.50 -23.88 -1.86
CA SER B 125 -24.02 -22.95 -2.90
C SER B 125 -25.19 -22.37 -3.70
N SER B 126 -26.12 -23.24 -4.04
CA SER B 126 -27.32 -22.88 -4.77
C SER B 126 -28.19 -21.90 -3.97
N ASP B 127 -28.38 -22.19 -2.68
CA ASP B 127 -29.08 -21.27 -1.76
C ASP B 127 -28.39 -19.92 -1.73
N LEU B 128 -27.07 -19.93 -1.69
CA LEU B 128 -26.27 -18.74 -1.51
C LEU B 128 -26.32 -17.85 -2.77
N LEU B 129 -26.25 -18.47 -3.95
CA LEU B 129 -26.41 -17.76 -5.22
C LEU B 129 -27.79 -17.08 -5.30
N ARG B 130 -28.85 -17.83 -5.02
CA ARG B 130 -30.22 -17.27 -4.96
C ARG B 130 -30.29 -16.07 -4.04
N PHE B 131 -29.70 -16.23 -2.87
CA PHE B 131 -29.75 -15.22 -1.83
C PHE B 131 -29.13 -13.92 -2.32
N TYR B 132 -27.91 -14.00 -2.87
CA TYR B 132 -27.22 -12.81 -3.39
C TYR B 132 -27.84 -12.26 -4.67
N GLN B 133 -28.33 -13.13 -5.56
CA GLN B 133 -29.06 -12.69 -6.76
C GLN B 133 -30.35 -11.94 -6.42
N ASN B 134 -31.02 -12.36 -5.35
CA ASN B 134 -32.28 -11.73 -4.92
C ASN B 134 -32.10 -10.50 -4.05
N TRP B 135 -30.90 -10.32 -3.48
CA TRP B 135 -30.64 -9.19 -2.58
C TRP B 135 -30.80 -7.84 -3.27
N GLN B 136 -31.51 -6.93 -2.60
CA GLN B 136 -31.73 -5.59 -3.12
C GLN B 136 -31.07 -4.56 -2.19
N PRO B 137 -30.16 -3.75 -2.74
CA PRO B 137 -29.44 -2.82 -1.88
C PRO B 137 -30.30 -1.74 -1.21
N ALA B 138 -30.01 -1.42 0.04
CA ALA B 138 -30.66 -0.31 0.74
C ALA B 138 -30.09 1.03 0.27
N TRP B 139 -28.84 1.01 -0.21
CA TRP B 139 -28.12 2.21 -0.66
C TRP B 139 -27.23 1.91 -1.86
N ALA B 140 -26.74 2.97 -2.49
CA ALA B 140 -25.74 2.86 -3.57
C ALA B 140 -24.40 2.38 -3.01
N PRO B 141 -23.59 1.70 -3.83
CA PRO B 141 -22.28 1.22 -3.36
C PRO B 141 -21.34 2.35 -2.87
N GLY B 142 -20.62 2.10 -1.80
CA GLY B 142 -19.62 3.03 -1.28
C GLY B 142 -20.17 4.30 -0.67
N THR B 143 -21.38 4.23 -0.11
CA THR B 143 -22.00 5.40 0.55
C THR B 143 -22.26 5.19 2.05
N GLN B 144 -22.62 3.97 2.46
CA GLN B 144 -22.92 3.66 3.86
C GLN B 144 -22.20 2.39 4.30
N ARG B 145 -21.74 2.39 5.54
CA ARG B 145 -21.15 1.21 6.15
C ARG B 145 -22.21 0.54 7.01
N LEU B 146 -22.50 -0.72 6.70
CA LEU B 146 -23.40 -1.52 7.53
C LEU B 146 -22.71 -2.84 7.84
N TYR B 147 -22.23 -2.97 9.09
CA TYR B 147 -21.52 -4.16 9.52
C TYR B 147 -22.32 -5.41 9.16
N ALA B 148 -21.65 -6.38 8.55
CA ALA B 148 -22.34 -7.49 7.90
C ALA B 148 -21.47 -8.73 7.66
N ASN B 149 -21.92 -9.88 8.18
CA ASN B 149 -21.26 -11.15 7.92
C ASN B 149 -21.40 -11.55 6.45
N SER B 150 -22.52 -11.21 5.84
CA SER B 150 -22.77 -11.56 4.45
C SER B 150 -21.87 -10.77 3.49
N SER B 151 -21.32 -9.65 3.95
CA SER B 151 -20.43 -8.82 3.16
C SER B 151 -18.99 -9.37 3.24
N ILE B 152 -18.37 -9.30 4.41
CA ILE B 152 -16.97 -9.76 4.53
C ILE B 152 -16.87 -11.28 4.35
N GLY B 153 -17.93 -12.00 4.71
CA GLY B 153 -18.04 -13.43 4.42
C GLY B 153 -17.82 -13.73 2.95
N LEU B 154 -18.52 -13.01 2.07
CA LEU B 154 -18.37 -13.21 0.64
C LEU B 154 -16.98 -12.81 0.15
N PHE B 155 -16.44 -11.71 0.68
CA PHE B 155 -15.08 -11.28 0.35
C PHE B 155 -14.06 -12.40 0.59
N GLY B 156 -14.12 -13.03 1.76
CA GLY B 156 -13.22 -14.12 2.08
C GLY B 156 -13.34 -15.26 1.09
N ALA B 157 -14.59 -15.64 0.80
CA ALA B 157 -14.87 -16.72 -0.16
C ALA B 157 -14.28 -16.43 -1.53
N LEU B 158 -14.47 -15.22 -2.03
CA LEU B 158 -13.98 -14.83 -3.35
C LEU B 158 -12.48 -14.57 -3.36
N ALA B 159 -11.95 -14.04 -2.27
CA ALA B 159 -10.51 -13.74 -2.18
C ALA B 159 -9.62 -14.96 -2.45
N VAL B 160 -10.08 -16.15 -2.07
CA VAL B 160 -9.29 -17.38 -2.24
C VAL B 160 -9.54 -18.11 -3.57
N LYS B 161 -10.45 -17.61 -4.39
CA LYS B 161 -10.84 -18.35 -5.61
C LYS B 161 -9.69 -18.53 -6.61
N PRO B 162 -8.94 -17.45 -6.91
CA PRO B 162 -7.77 -17.60 -7.80
C PRO B 162 -6.73 -18.64 -7.38
N SER B 163 -6.50 -18.77 -6.07
CA SER B 163 -5.57 -19.77 -5.54
C SER B 163 -6.01 -21.22 -5.75
N GLY B 164 -7.32 -21.42 -5.97
CA GLY B 164 -7.89 -22.76 -6.07
C GLY B 164 -8.01 -23.50 -4.74
N LEU B 165 -7.49 -22.92 -3.67
CA LEU B 165 -7.55 -23.54 -2.36
C LEU B 165 -8.89 -23.27 -1.71
N SER B 166 -9.32 -24.16 -0.82
CA SER B 166 -10.47 -23.88 0.02
C SER B 166 -10.09 -22.75 0.97
N PHE B 167 -11.10 -22.10 1.56
CA PHE B 167 -10.83 -21.02 2.48
C PHE B 167 -10.00 -21.49 3.66
N GLU B 168 -10.36 -22.64 4.23
CA GLU B 168 -9.62 -23.20 5.37
C GLU B 168 -8.17 -23.51 5.02
N GLN B 169 -7.93 -24.12 3.86
CA GLN B 169 -6.56 -24.47 3.46
C GLN B 169 -5.71 -23.23 3.17
N ALA B 170 -6.31 -22.24 2.51
CA ALA B 170 -5.65 -20.96 2.26
C ALA B 170 -5.26 -20.29 3.58
N MET B 171 -6.22 -20.20 4.49
CA MET B 171 -5.97 -19.64 5.83
C MET B 171 -4.86 -20.39 6.59
N GLN B 172 -4.93 -21.72 6.58
CA GLN B 172 -3.93 -22.54 7.26
C GLN B 172 -2.55 -22.34 6.68
N THR B 173 -2.43 -22.51 5.36
CA THR B 173 -1.11 -22.52 4.73
C THR B 173 -0.50 -21.13 4.57
N ARG B 174 -1.34 -20.09 4.53
CA ARG B 174 -0.86 -18.74 4.24
C ARG B 174 -0.78 -17.80 5.44
N VAL B 175 -1.52 -18.12 6.50
CA VAL B 175 -1.59 -17.24 7.67
C VAL B 175 -1.20 -17.98 8.95
N PHE B 176 -1.92 -19.05 9.30
CA PHE B 176 -1.69 -19.73 10.58
C PHE B 176 -0.27 -20.32 10.67
N GLN B 177 0.16 -21.00 9.60
CA GLN B 177 1.42 -21.74 9.62
C GLN B 177 2.66 -20.84 9.57
N PRO B 178 2.71 -19.86 8.65
CA PRO B 178 3.87 -18.96 8.68
C PRO B 178 4.04 -18.23 10.02
N LEU B 179 2.94 -17.91 10.68
CA LEU B 179 2.99 -17.26 11.98
C LEU B 179 3.05 -18.27 13.13
N LYS B 180 3.21 -19.55 12.82
CA LYS B 180 3.30 -20.60 13.84
C LYS B 180 2.15 -20.56 14.84
N LEU B 181 0.93 -20.38 14.33
CA LEU B 181 -0.28 -20.48 15.15
C LEU B 181 -0.73 -21.94 15.18
N ASN B 182 -0.10 -22.72 16.06
CA ASN B 182 -0.24 -24.17 16.04
C ASN B 182 -1.48 -24.73 16.75
N HIS B 183 -2.24 -23.85 17.42
CA HIS B 183 -3.47 -24.26 18.11
C HIS B 183 -4.64 -23.36 17.71
N THR B 184 -4.68 -23.03 16.42
CA THR B 184 -5.69 -22.15 15.86
C THR B 184 -6.35 -22.90 14.70
N TRP B 185 -7.67 -23.04 14.78
CA TRP B 185 -8.43 -23.86 13.85
C TRP B 185 -9.74 -23.22 13.41
N ILE B 186 -10.10 -23.48 12.15
CA ILE B 186 -11.44 -23.22 11.65
C ILE B 186 -12.31 -24.43 12.01
N ASN B 187 -11.74 -25.62 11.86
CA ASN B 187 -12.37 -26.85 12.32
C ASN B 187 -11.45 -27.53 13.33
N VAL B 188 -11.89 -27.54 14.60
CA VAL B 188 -11.10 -28.10 15.70
C VAL B 188 -11.03 -29.63 15.54
N PRO B 189 -9.81 -30.18 15.45
CA PRO B 189 -9.68 -31.62 15.23
C PRO B 189 -9.86 -32.38 16.54
N PRO B 190 -10.16 -33.69 16.47
CA PRO B 190 -10.40 -34.53 17.65
C PRO B 190 -9.34 -34.40 18.75
N ALA B 191 -8.07 -34.24 18.36
CA ALA B 191 -6.97 -34.14 19.31
C ALA B 191 -6.99 -32.87 20.18
N GLU B 192 -7.67 -31.82 19.68
CA GLU B 192 -7.76 -30.56 20.40
C GLU B 192 -9.08 -30.38 21.16
N GLU B 193 -10.01 -31.32 20.98
CA GLU B 193 -11.32 -31.24 21.62
C GLU B 193 -11.27 -31.10 23.14
N LYS B 194 -10.30 -31.77 23.78
CA LYS B 194 -10.13 -31.69 25.23
C LYS B 194 -9.69 -30.30 25.72
N ASN B 195 -9.25 -29.46 24.78
CA ASN B 195 -8.89 -28.08 25.06
C ASN B 195 -9.95 -27.09 24.57
N TYR B 196 -10.98 -27.59 23.88
CA TYR B 196 -11.99 -26.74 23.27
C TYR B 196 -13.01 -26.36 24.31
N ALA B 197 -12.85 -25.17 24.89
CA ALA B 197 -13.73 -24.68 25.95
C ALA B 197 -15.16 -24.58 25.47
N TRP B 198 -16.10 -24.80 26.39
CA TRP B 198 -17.51 -24.55 26.10
C TRP B 198 -17.81 -23.08 26.32
N GLY B 199 -18.80 -22.59 25.58
CA GLY B 199 -19.29 -21.23 25.74
C GLY B 199 -20.60 -21.27 26.48
N TYR B 200 -20.85 -20.29 27.35
CA TYR B 200 -22.01 -20.34 28.23
C TYR B 200 -23.05 -19.25 27.93
N ARG B 201 -24.21 -19.69 27.44
CA ARG B 201 -25.33 -18.82 27.08
C ARG B 201 -26.58 -19.23 27.85
N GLU B 202 -27.10 -18.32 28.68
CA GLU B 202 -28.21 -18.63 29.60
C GLU B 202 -27.95 -19.94 30.34
N GLY B 203 -26.75 -20.07 30.89
CA GLY B 203 -26.37 -21.24 31.70
C GLY B 203 -25.87 -22.43 30.92
N LYS B 204 -26.41 -22.64 29.72
CA LYS B 204 -26.07 -23.80 28.89
C LYS B 204 -24.66 -23.70 28.32
N ALA B 205 -23.94 -24.81 28.31
CA ALA B 205 -22.69 -24.94 27.56
C ALA B 205 -23.03 -25.04 26.08
N VAL B 206 -22.42 -24.19 25.25
CA VAL B 206 -22.71 -24.15 23.81
C VAL B 206 -21.47 -23.93 22.94
N HIS B 207 -21.56 -24.41 21.70
CA HIS B 207 -20.57 -24.17 20.65
C HIS B 207 -21.27 -23.59 19.42
N VAL B 208 -20.58 -22.73 18.68
CA VAL B 208 -21.15 -22.08 17.49
C VAL B 208 -21.71 -23.11 16.51
N SER B 209 -22.85 -22.80 15.89
CA SER B 209 -23.48 -23.69 14.92
C SER B 209 -22.90 -23.48 13.52
N PRO B 210 -22.96 -24.53 12.67
CA PRO B 210 -22.72 -24.36 11.23
C PRO B 210 -23.62 -23.30 10.61
N GLY B 211 -23.08 -22.54 9.67
CA GLY B 211 -23.84 -21.54 8.92
C GLY B 211 -23.11 -21.23 7.63
N ALA B 212 -23.83 -20.66 6.67
CA ALA B 212 -23.22 -20.25 5.40
C ALA B 212 -22.16 -19.19 5.65
N LEU B 213 -20.98 -19.37 5.05
CA LEU B 213 -19.85 -18.45 5.19
C LEU B 213 -19.40 -18.26 6.64
N ASP B 214 -19.53 -19.29 7.47
CA ASP B 214 -19.15 -19.19 8.89
C ASP B 214 -17.63 -19.10 9.10
N ALA B 215 -16.86 -19.90 8.36
CA ALA B 215 -15.40 -19.85 8.45
C ALA B 215 -14.88 -18.43 8.21
N GLU B 216 -15.45 -17.79 7.19
CA GLU B 216 -15.01 -16.49 6.71
C GLU B 216 -15.37 -15.34 7.66
N ALA B 217 -16.54 -15.43 8.29
CA ALA B 217 -17.10 -14.32 9.08
C ALA B 217 -16.93 -14.44 10.59
N TYR B 218 -16.89 -15.67 11.10
CA TYR B 218 -16.85 -15.89 12.55
C TYR B 218 -16.33 -17.27 13.01
N GLY B 219 -15.57 -17.96 12.16
CA GLY B 219 -15.29 -19.38 12.36
C GLY B 219 -13.95 -19.83 12.94
N VAL B 220 -13.12 -18.91 13.42
CA VAL B 220 -11.80 -19.28 13.96
C VAL B 220 -11.87 -19.53 15.47
N LYS B 221 -11.21 -20.61 15.90
CA LYS B 221 -10.99 -20.88 17.31
C LYS B 221 -9.50 -20.90 17.58
N SER B 222 -9.08 -20.24 18.66
CA SER B 222 -7.66 -20.10 18.99
C SER B 222 -7.41 -20.00 20.51
N THR B 223 -6.13 -20.03 20.88
CA THR B 223 -5.70 -19.92 22.28
C THR B 223 -5.11 -18.55 22.58
N ILE B 224 -4.97 -18.24 23.87
CA ILE B 224 -4.44 -16.95 24.28
C ILE B 224 -2.99 -16.77 23.83
N GLU B 225 -2.23 -17.86 23.76
CA GLU B 225 -0.86 -17.82 23.27
C GLU B 225 -0.81 -17.52 21.77
N ASP B 226 -1.61 -18.25 20.99
CA ASP B 226 -1.71 -18.01 19.55
C ASP B 226 -2.23 -16.60 19.25
N MET B 227 -3.22 -16.16 20.02
CA MET B 227 -3.77 -14.82 19.87
C MET B 227 -2.79 -13.72 20.29
N ALA B 228 -1.95 -14.00 21.28
CA ALA B 228 -0.83 -13.09 21.60
C ALA B 228 0.09 -12.94 20.40
N ARG B 229 0.41 -14.06 19.76
CA ARG B 229 1.29 -14.07 18.59
C ARG B 229 0.66 -13.32 17.40
N TRP B 230 -0.65 -13.46 17.26
CA TRP B 230 -1.40 -12.74 16.24
C TRP B 230 -1.29 -11.22 16.46
N VAL B 231 -1.40 -10.78 17.72
CA VAL B 231 -1.23 -9.36 18.02
C VAL B 231 0.20 -8.90 17.72
N GLN B 232 1.18 -9.67 18.18
CA GLN B 232 2.59 -9.38 17.88
C GLN B 232 2.81 -9.20 16.39
N SER B 233 2.20 -10.08 15.59
CA SER B 233 2.37 -10.06 14.14
C SER B 233 1.75 -8.83 13.48
N ASN B 234 0.62 -8.40 14.02
CA ASN B 234 -0.06 -7.20 13.52
C ASN B 234 0.55 -5.89 14.05
N LEU B 235 1.18 -5.95 15.23
CA LEU B 235 1.97 -4.83 15.77
C LEU B 235 3.24 -4.57 14.96
N LYS B 236 3.91 -5.66 14.57
CA LYS B 236 5.28 -5.63 14.04
C LYS B 236 5.39 -6.48 12.77
N PRO B 237 4.64 -6.11 11.71
CA PRO B 237 4.62 -6.96 10.51
C PRO B 237 5.95 -7.07 9.75
N LEU B 238 6.84 -6.09 9.90
CA LEU B 238 8.15 -6.13 9.24
C LEU B 238 9.03 -7.28 9.76
N ASP B 239 8.74 -7.76 10.96
CA ASP B 239 9.41 -8.95 11.48
C ASP B 239 9.00 -10.24 10.76
N ILE B 240 7.93 -10.19 9.96
CA ILE B 240 7.44 -11.39 9.27
C ILE B 240 8.27 -11.68 8.02
N ASN B 241 8.79 -12.89 7.97
CA ASN B 241 9.67 -13.31 6.88
C ASN B 241 8.94 -13.40 5.54
N GLU B 242 7.72 -13.92 5.57
CA GLU B 242 6.93 -14.12 4.35
C GLU B 242 6.45 -12.78 3.79
N LYS B 243 6.98 -12.41 2.61
CA LYS B 243 6.81 -11.07 2.03
C LYS B 243 5.35 -10.66 1.77
N THR B 244 4.57 -11.57 1.18
CA THR B 244 3.16 -11.29 0.88
C THR B 244 2.30 -11.19 2.14
N LEU B 245 2.62 -11.97 3.17
CA LEU B 245 1.89 -11.91 4.43
C LEU B 245 2.23 -10.63 5.19
N GLN B 246 3.50 -10.26 5.14
CA GLN B 246 3.95 -8.98 5.69
C GLN B 246 3.13 -7.86 5.06
N GLN B 247 3.06 -7.86 3.73
CA GLN B 247 2.31 -6.83 3.00
C GLN B 247 0.80 -6.91 3.29
N GLY B 248 0.28 -8.13 3.39
CA GLY B 248 -1.14 -8.34 3.69
C GLY B 248 -1.58 -7.76 5.02
N ILE B 249 -0.78 -7.97 6.06
CA ILE B 249 -1.03 -7.38 7.38
C ILE B 249 -1.04 -5.86 7.29
N GLN B 250 -0.08 -5.31 6.54
CA GLN B 250 -0.01 -3.87 6.31
C GLN B 250 -1.24 -3.35 5.56
N LEU B 251 -1.71 -4.08 4.55
CA LEU B 251 -2.89 -3.65 3.78
C LEU B 251 -4.19 -3.69 4.60
N ALA B 252 -4.25 -4.62 5.56
CA ALA B 252 -5.43 -4.77 6.41
C ALA B 252 -5.58 -3.62 7.40
N GLN B 253 -4.48 -2.91 7.69
CA GLN B 253 -4.54 -1.73 8.56
C GLN B 253 -4.54 -0.42 7.80
N SER B 254 -4.56 -0.48 6.46
CA SER B 254 -4.77 0.71 5.66
C SER B 254 -6.16 1.23 5.96
N ARG B 255 -6.32 2.56 5.89
CA ARG B 255 -7.59 3.22 6.19
C ARG B 255 -8.32 3.52 4.88
N TYR B 256 -9.38 2.75 4.61
CA TYR B 256 -10.11 2.83 3.35
C TYR B 256 -11.32 3.77 3.39
N TRP B 257 -11.95 3.86 4.56
CA TRP B 257 -13.12 4.72 4.79
C TRP B 257 -13.08 5.30 6.17
N GLN B 258 -13.71 6.46 6.34
CA GLN B 258 -13.86 7.07 7.65
C GLN B 258 -15.34 7.24 7.96
N THR B 259 -15.73 6.84 9.17
CA THR B 259 -17.05 7.17 9.72
C THR B 259 -16.83 7.70 11.12
N GLY B 260 -17.11 8.97 11.33
CA GLY B 260 -16.86 9.59 12.61
C GLY B 260 -15.37 9.62 12.87
N ASP B 261 -14.94 9.06 14.00
CA ASP B 261 -13.51 9.04 14.36
C ASP B 261 -12.88 7.67 14.10
N MET B 262 -13.58 6.85 13.34
CA MET B 262 -13.23 5.47 13.10
C MET B 262 -12.86 5.29 11.63
N TYR B 263 -11.91 4.40 11.38
CA TYR B 263 -11.43 4.11 10.03
C TYR B 263 -11.60 2.62 9.77
N GLN B 264 -12.12 2.26 8.61
CA GLN B 264 -12.31 0.84 8.28
C GLN B 264 -11.09 0.30 7.53
N GLY B 265 -10.48 -0.74 8.09
CA GLY B 265 -9.43 -1.52 7.41
C GLY B 265 -10.04 -2.77 6.81
N LEU B 266 -9.25 -3.80 6.60
CA LEU B 266 -9.77 -5.11 6.21
C LEU B 266 -9.87 -5.96 7.47
N GLY B 267 -11.09 -6.10 8.01
CA GLY B 267 -11.29 -6.76 9.30
C GLY B 267 -11.06 -5.83 10.48
N TRP B 268 -9.83 -5.36 10.62
CA TRP B 268 -9.48 -4.39 11.67
C TRP B 268 -10.20 -3.06 11.50
N GLU B 269 -10.49 -2.44 12.64
CA GLU B 269 -10.98 -1.07 12.70
C GLU B 269 -9.92 -0.26 13.46
N MET B 270 -9.74 1.00 13.08
CA MET B 270 -8.67 1.85 13.61
C MET B 270 -9.16 3.23 14.01
N LEU B 271 -8.54 3.79 15.05
CA LEU B 271 -8.74 5.18 15.44
C LEU B 271 -7.39 5.80 15.71
N ASP B 272 -7.31 7.12 15.57
CA ASP B 272 -6.09 7.84 15.91
C ASP B 272 -5.82 7.76 17.40
N TRP B 273 -4.57 7.44 17.76
CA TRP B 273 -4.12 7.46 19.14
C TRP B 273 -3.46 8.81 19.39
N PRO B 274 -3.73 9.44 20.57
CA PRO B 274 -4.59 8.99 21.66
C PRO B 274 -6.06 9.06 21.30
N VAL B 275 -6.83 8.08 21.73
CA VAL B 275 -8.25 8.02 21.42
C VAL B 275 -9.06 8.60 22.56
N ASN B 276 -10.32 8.93 22.28
CA ASN B 276 -11.26 9.21 23.35
C ASN B 276 -11.89 7.91 23.81
N PRO B 277 -11.65 7.51 25.07
CA PRO B 277 -12.17 6.24 25.55
C PRO B 277 -13.69 6.12 25.45
N ASP B 278 -14.39 7.21 25.75
CA ASP B 278 -15.86 7.23 25.69
C ASP B 278 -16.36 6.86 24.30
N SER B 279 -15.61 7.27 23.28
CA SER B 279 -15.96 6.99 21.89
C SER B 279 -15.88 5.51 21.53
N ILE B 280 -14.73 4.88 21.78
CA ILE B 280 -14.57 3.45 21.49
C ILE B 280 -15.44 2.59 22.41
N ILE B 281 -15.63 3.03 23.65
CA ILE B 281 -16.50 2.31 24.59
C ILE B 281 -17.96 2.37 24.14
N ASN B 282 -18.47 3.59 23.94
CA ASN B 282 -19.85 3.76 23.44
C ASN B 282 -20.04 3.18 22.06
N GLY B 283 -19.06 3.42 21.19
CA GLY B 283 -19.13 2.98 19.80
C GLY B 283 -19.12 1.48 19.60
N SER B 284 -18.67 0.75 20.61
CA SER B 284 -18.67 -0.71 20.56
C SER B 284 -20.04 -1.31 20.87
N ASP B 285 -20.95 -0.49 21.43
CA ASP B 285 -22.32 -0.92 21.69
C ASP B 285 -23.01 -1.18 20.37
N ASN B 286 -23.75 -2.28 20.27
CA ASN B 286 -24.37 -2.73 19.02
C ASN B 286 -25.42 -1.77 18.45
N LYS B 287 -26.00 -0.93 19.30
CA LYS B 287 -26.94 0.09 18.78
C LYS B 287 -26.22 1.08 17.86
N ILE B 288 -24.91 1.25 18.08
CA ILE B 288 -24.04 2.07 17.23
C ILE B 288 -23.23 1.19 16.26
N ALA B 289 -22.56 0.17 16.81
CA ALA B 289 -21.68 -0.71 16.03
C ALA B 289 -22.38 -1.42 14.86
N LEU B 290 -23.66 -1.74 15.02
CA LEU B 290 -24.43 -2.39 13.94
C LEU B 290 -25.33 -1.44 13.14
N ALA B 291 -25.30 -0.14 13.45
CA ALA B 291 -26.11 0.82 12.72
C ALA B 291 -25.40 1.20 11.43
N ALA B 292 -26.19 1.49 10.38
CA ALA B 292 -25.65 2.05 9.16
C ALA B 292 -25.12 3.44 9.45
N ARG B 293 -23.93 3.75 8.94
CA ARG B 293 -23.34 5.08 9.07
C ARG B 293 -22.70 5.49 7.75
N PRO B 294 -22.81 6.79 7.39
CA PRO B 294 -22.21 7.29 6.14
C PRO B 294 -20.68 7.22 6.14
N VAL B 295 -20.12 6.83 5.01
CA VAL B 295 -18.68 6.68 4.88
C VAL B 295 -18.16 7.74 3.93
N LYS B 296 -16.97 8.26 4.25
CA LYS B 296 -16.20 9.13 3.37
C LYS B 296 -15.02 8.31 2.88
N ALA B 297 -14.87 8.17 1.57
CA ALA B 297 -13.74 7.45 0.98
C ALA B 297 -12.43 8.15 1.34
N ILE B 298 -11.41 7.37 1.62
CA ILE B 298 -10.06 7.89 1.79
C ILE B 298 -9.33 7.56 0.49
N THR B 299 -9.11 8.60 -0.32
CA THR B 299 -8.69 8.44 -1.70
C THR B 299 -7.31 9.06 -1.93
N PRO B 300 -6.25 8.24 -1.97
CA PRO B 300 -6.18 6.80 -1.80
C PRO B 300 -6.06 6.43 -0.32
N PRO B 301 -6.22 5.15 0.01
CA PRO B 301 -6.18 4.75 1.42
C PRO B 301 -4.87 5.16 2.09
N THR B 302 -4.96 5.61 3.34
CA THR B 302 -3.76 5.93 4.10
C THR B 302 -3.13 4.61 4.51
N PRO B 303 -1.80 4.47 4.31
CA PRO B 303 -1.13 3.28 4.81
C PRO B 303 -1.20 3.20 6.33
N ALA B 304 -1.08 1.99 6.86
CA ALA B 304 -1.19 1.73 8.28
C ALA B 304 -0.49 2.83 9.10
N VAL B 305 -1.28 3.47 9.95
CA VAL B 305 -0.78 4.53 10.81
C VAL B 305 -0.32 3.93 12.13
N ARG B 306 0.95 4.17 12.44
CA ARG B 306 1.57 3.64 13.64
C ARG B 306 0.90 4.17 14.91
N ALA B 307 0.60 5.47 14.94
CA ALA B 307 -0.12 6.07 16.07
C ALA B 307 -1.62 5.79 15.94
N SER B 308 -1.99 4.53 16.17
CA SER B 308 -3.36 4.06 16.04
C SER B 308 -3.77 3.16 17.19
N TRP B 309 -5.04 3.26 17.57
CA TRP B 309 -5.71 2.23 18.32
C TRP B 309 -6.37 1.31 17.30
N VAL B 310 -5.82 0.10 17.14
CA VAL B 310 -6.32 -0.89 16.18
C VAL B 310 -7.03 -1.96 16.98
N HIS B 311 -8.26 -2.31 16.58
CA HIS B 311 -9.08 -3.20 17.40
C HIS B 311 -10.22 -3.92 16.66
N LYS B 312 -10.78 -4.91 17.34
CA LYS B 312 -11.94 -5.66 16.84
C LYS B 312 -12.64 -6.38 17.98
N THR B 313 -13.96 -6.22 18.07
CA THR B 313 -14.79 -7.05 18.95
C THR B 313 -15.28 -8.29 18.21
N GLY B 314 -15.50 -9.36 18.96
CA GLY B 314 -16.04 -10.59 18.37
C GLY B 314 -16.86 -11.38 19.38
N ALA B 315 -17.90 -12.03 18.90
CA ALA B 315 -18.77 -12.81 19.77
C ALA B 315 -19.40 -13.96 19.00
N THR B 316 -19.62 -15.05 19.72
CA THR B 316 -20.58 -16.08 19.31
C THR B 316 -21.62 -16.14 20.44
N GLY B 317 -22.53 -17.10 20.38
CA GLY B 317 -23.51 -17.33 21.46
C GLY B 317 -22.89 -17.46 22.84
N GLY B 318 -21.83 -18.25 22.96
CA GLY B 318 -21.20 -18.50 24.26
C GLY B 318 -19.83 -17.90 24.49
N PHE B 319 -19.37 -16.98 23.64
CA PHE B 319 -18.03 -16.41 23.78
C PHE B 319 -18.01 -14.91 23.55
N GLY B 320 -16.99 -14.26 24.10
CA GLY B 320 -16.78 -12.83 23.90
C GLY B 320 -15.32 -12.50 23.88
N SER B 321 -14.86 -11.94 22.76
CA SER B 321 -13.45 -11.65 22.57
C SER B 321 -13.24 -10.19 22.24
N TYR B 322 -12.04 -9.71 22.51
CA TYR B 322 -11.64 -8.37 22.13
C TYR B 322 -10.13 -8.32 22.00
N VAL B 323 -9.68 -7.74 20.88
CA VAL B 323 -8.28 -7.51 20.61
C VAL B 323 -8.11 -6.03 20.35
N ALA B 324 -7.02 -5.45 20.85
CA ALA B 324 -6.67 -4.06 20.59
C ALA B 324 -5.18 -3.85 20.78
N PHE B 325 -4.57 -2.97 19.98
CA PHE B 325 -3.14 -2.72 20.07
C PHE B 325 -2.76 -1.38 19.47
N ILE B 326 -1.61 -0.86 19.89
CA ILE B 326 -1.07 0.40 19.41
C ILE B 326 0.34 0.19 18.86
N PRO B 327 0.49 0.09 17.52
CA PRO B 327 1.79 -0.14 16.87
C PRO B 327 2.95 0.75 17.34
N GLU B 328 2.76 2.06 17.42
CA GLU B 328 3.85 2.93 17.84
C GLU B 328 4.37 2.66 19.27
N LYS B 329 3.47 2.23 20.17
CA LYS B 329 3.81 1.93 21.55
C LYS B 329 4.29 0.49 21.79
N GLU B 330 4.27 -0.35 20.74
CA GLU B 330 4.64 -1.76 20.87
C GLU B 330 3.81 -2.43 21.98
N LEU B 331 2.53 -2.11 21.98
CA LEU B 331 1.64 -2.39 23.10
C LEU B 331 0.33 -2.95 22.59
N GLY B 332 -0.25 -3.89 23.32
CA GLY B 332 -1.50 -4.51 22.90
C GLY B 332 -2.13 -5.41 23.94
N ILE B 333 -3.34 -5.86 23.66
CA ILE B 333 -4.10 -6.70 24.58
C ILE B 333 -5.08 -7.61 23.86
N VAL B 334 -5.21 -8.83 24.37
CA VAL B 334 -6.24 -9.78 23.94
C VAL B 334 -7.02 -10.21 25.16
N MET B 335 -8.34 -10.24 25.04
CA MET B 335 -9.21 -10.68 26.14
C MET B 335 -10.15 -11.71 25.56
N LEU B 336 -10.01 -12.96 26.02
CA LEU B 336 -10.85 -14.06 25.55
C LEU B 336 -11.63 -14.62 26.71
N ALA B 337 -12.93 -14.77 26.53
CA ALA B 337 -13.81 -15.26 27.58
C ALA B 337 -14.86 -16.18 27.00
N ASN B 338 -15.40 -17.07 27.83
CA ASN B 338 -16.45 -17.99 27.39
C ASN B 338 -17.85 -17.60 27.88
N LYS B 339 -18.09 -16.29 27.96
CA LYS B 339 -19.43 -15.74 28.01
C LYS B 339 -19.47 -14.52 27.09
N ASN B 340 -20.55 -14.36 26.34
CA ASN B 340 -20.76 -13.16 25.53
C ASN B 340 -21.24 -12.00 26.42
N TYR B 341 -20.29 -11.28 27.00
CA TYR B 341 -20.60 -10.09 27.82
C TYR B 341 -20.56 -8.83 26.95
N PRO B 342 -21.26 -7.75 27.38
CA PRO B 342 -21.40 -6.55 26.53
C PRO B 342 -20.07 -5.97 26.06
N ASN B 343 -20.03 -5.51 24.81
CA ASN B 343 -18.81 -4.96 24.22
C ASN B 343 -18.20 -3.80 25.01
N PRO B 344 -19.03 -2.83 25.45
CA PRO B 344 -18.48 -1.67 26.19
C PRO B 344 -17.65 -2.05 27.42
N ALA B 345 -18.07 -3.06 28.16
CA ALA B 345 -17.29 -3.60 29.29
C ALA B 345 -15.88 -4.04 28.90
N ARG B 346 -15.76 -4.63 27.70
CA ARG B 346 -14.49 -5.15 27.23
C ARG B 346 -13.53 -4.04 26.89
N VAL B 347 -14.04 -3.06 26.13
CA VAL B 347 -13.24 -1.96 25.65
C VAL B 347 -12.77 -1.09 26.82
N ASP B 348 -13.65 -0.91 27.82
CA ASP B 348 -13.31 -0.10 28.99
C ASP B 348 -12.15 -0.73 29.76
N ALA B 349 -12.27 -2.03 30.02
CA ALA B 349 -11.21 -2.80 30.68
C ALA B 349 -9.90 -2.75 29.91
N ALA B 350 -9.98 -2.92 28.58
CA ALA B 350 -8.80 -2.86 27.73
C ALA B 350 -8.16 -1.49 27.83
N TRP B 351 -8.98 -0.46 27.68
CA TRP B 351 -8.53 0.92 27.78
C TRP B 351 -7.75 1.19 29.07
N GLN B 352 -8.29 0.73 30.20
CA GLN B 352 -7.64 0.94 31.51
C GLN B 352 -6.23 0.34 31.58
N ILE B 353 -6.07 -0.85 31.01
CA ILE B 353 -4.79 -1.54 31.05
C ILE B 353 -3.76 -0.83 30.18
N LEU B 354 -4.09 -0.62 28.89
CA LEU B 354 -3.15 -0.08 27.92
C LEU B 354 -2.77 1.38 28.22
N ASN B 355 -3.76 2.18 28.61
CA ASN B 355 -3.50 3.58 28.95
C ASN B 355 -2.54 3.69 30.14
N ALA B 356 -2.73 2.81 31.11
CA ALA B 356 -1.81 2.69 32.25
C ALA B 356 -0.36 2.38 31.84
N LEU B 357 -0.19 1.51 30.84
CA LEU B 357 1.13 1.01 30.45
C LEU B 357 1.81 1.81 29.35
N GLN B 358 1.06 2.69 28.69
CA GLN B 358 1.59 3.51 27.60
C GLN B 358 2.55 4.58 28.11
P PO4 C . 34.85 9.78 -5.05
O1 PO4 C . 34.08 9.16 -3.90
O2 PO4 C . 34.04 10.85 -5.72
O3 PO4 C . 36.12 10.39 -4.50
O4 PO4 C . 35.21 8.69 -6.03
C6 GTC D . 14.86 21.40 -20.48
C2 GTC D . 13.06 20.71 -18.88
C5 GTC D . 13.66 22.07 -21.15
C4 GTC D . 12.89 22.91 -20.13
C10 GTC D . 18.10 22.73 -21.02
O13 GTC D . 14.68 23.93 -22.27
C12 GTC D . 14.02 22.87 -22.37
O14 GTC D . 13.63 22.45 -23.50
C3 GTC D . 12.24 21.97 -19.12
C1 GTC D . 14.55 21.00 -19.03
C7 GTC D . 16.10 22.21 -20.51
N8 GTC D . 16.38 23.42 -19.94
N9 GTC D . 17.70 23.78 -20.27
N11 GTC D . 17.19 21.79 -21.18
S15 GTC D . 19.70 22.52 -21.76
P PO4 E . 10.29 13.92 -20.94
O1 PO4 E . 9.00 13.98 -20.15
O2 PO4 E . 10.08 14.52 -22.31
O3 PO4 E . 11.36 14.70 -20.21
O4 PO4 E . 10.70 12.47 -21.06
C6 GTC F . 10.37 17.79 -20.58
C2 GTC F . 8.59 18.86 -22.03
C5 GTC F . 9.79 16.37 -20.78
C4 GTC F . 8.74 16.30 -21.91
C10 GTC F . 12.78 18.93 -23.03
O13 GTC F . 10.94 14.55 -21.88
C12 GTC F . 10.89 15.35 -20.90
O14 GTC F . 11.75 15.32 -19.98
C3 GTC F . 8.64 17.55 -22.79
C1 GTC F . 9.26 18.82 -20.66
C7 GTC F . 11.51 18.15 -21.48
N8 GTC F . 12.79 17.78 -21.24
N9 GTC F . 13.62 18.27 -22.24
N11 GTC F . 11.50 18.90 -22.62
S15 GTC F . 13.38 19.76 -24.48
C6 GTC G . -22.01 -11.24 15.41
C2 GTC G . -24.18 -9.98 15.10
C5 GTC G . -21.41 -9.97 16.02
C4 GTC G . -22.46 -9.12 16.76
C10 GTC G . -23.53 -13.28 17.98
O13 GTC G . -20.01 -9.51 17.89
C12 GTC G . -20.23 -10.25 16.92
O14 GTC G . -19.48 -11.22 16.63
C3 GTC G . -23.59 -8.77 15.80
C1 GTC G . -23.11 -10.85 14.44
C7 GTC G . -22.55 -12.25 16.38
N8 GTC G . -22.36 -13.59 16.22
N9 GTC G . -23.00 -14.28 17.28
N11 GTC G . -23.30 -12.05 17.50
S15 GTC G . -24.47 -13.60 19.44
C6 GTC H . -18.46 -18.70 -3.69
C2 GTC H . -19.86 -17.86 -1.79
C5 GTC H . -18.58 -20.14 -3.16
C4 GTC H . -18.83 -20.16 -1.65
C10 GTC H . -18.07 -19.05 -7.25
O13 GTC H . -20.72 -20.41 -4.23
C12 GTC H . -19.66 -20.95 -3.83
O14 GTC H . -19.44 -22.18 -3.96
C3 GTC H . -20.02 -19.28 -1.26
C1 GTC H . -19.64 -17.82 -3.29
C7 GTC H . -18.20 -18.65 -5.15
N8 GTC H . -17.49 -17.66 -5.74
N9 GTC H . -17.41 -17.90 -7.12
N11 GTC H . -18.57 -19.55 -6.11
S15 GTC H . -18.25 -19.82 -8.84
C6 GTC I . -16.19 14.21 29.54
C2 GTC I . -18.78 14.06 30.01
C5 GTC I . -16.19 12.83 30.23
C4 GTC I . -17.48 12.02 30.13
C10 GTC I . -15.19 13.62 26.11
O13 GTC I . -14.81 11.00 30.92
C12 GTC I . -14.88 12.22 30.66
O14 GTC I . -13.92 13.01 30.75
C3 GTC I . -18.50 12.85 30.88
C1 GTC I . -17.54 14.93 29.68
C7 GTC I . -15.70 14.15 28.12
N8 GTC I . -14.95 15.15 27.57
N9 GTC I . -14.61 14.81 26.26
N11 GTC I . -15.85 13.17 27.19
S15 GTC I . -15.06 12.73 24.59
#